data_6C5C
#
_entry.id   6C5C
#
_cell.length_a   50.678
_cell.length_b   92.060
_cell.length_c   88.915
_cell.angle_alpha   90.00
_cell.angle_beta   97.57
_cell.angle_gamma   90.00
#
_symmetry.space_group_name_H-M   'P 1 21 1'
#
loop_
_entity.id
_entity.type
_entity.pdbx_description
1 polymer '3-dehydroquinate synthase'
2 non-polymer NICOTINAMIDE-ADENINE-DINUCLEOTIDE
3 non-polymer 1,2-ETHANEDIOL
4 non-polymer 'CHLORIDE ION'
5 water water
#
_entity_poly.entity_id   1
_entity_poly.type   'polypeptide(L)'
_entity_poly.pdbx_seq_one_letter_code
;SNAMSIEKVPILGKETIHVGYGIADHIVREVIANLASSTYVIVTDTNMARTPQYSKLTDDFKTNLSEKRPESRLLTYCVS
PGENNKNRATKAAVEDFLLQQGCTRDTVILAVGGGVIGDMIGFVAATFMRGVRVVQVPTTLLAMVDSSVGGKTAIDTPLG
KNFIGAFHQPEYVFCDVSFLETLPARQFINGMAEVVKTAAIWNEEEFTRLENFSKKFLSVVTSKKPDLQSIKAELVKTVL
ESVRVKAGVVSSDEKEAGLRNLLNFGHTIGHAIEAVLTPEALHGECVSIGMIKEAELSRYLGILPPVAVARLSKCLVAYG
LPVSIDDKEFLKKVGPKRHYVEIDILLKKMAIDKKNDGSKIRCVLLEKIGKCYQLKAHQVSKQDLSFVLT
;
_entity_poly.pdbx_strand_id   A,B
#
loop_
_chem_comp.id
_chem_comp.type
_chem_comp.name
_chem_comp.formula
CL non-polymer 'CHLORIDE ION' 'Cl -1'
EDO non-polymer 1,2-ETHANEDIOL 'C2 H6 O2'
NAD non-polymer NICOTINAMIDE-ADENINE-DINUCLEOTIDE 'C21 H27 N7 O14 P2'
#
# COMPACT_ATOMS: atom_id res chain seq x y z
N SER A 1 26.58 24.40 -2.45
CA SER A 1 27.08 23.16 -3.08
C SER A 1 26.81 23.19 -4.62
N ASN A 2 27.62 22.42 -5.36
CA ASN A 2 27.43 22.22 -6.80
C ASN A 2 27.63 20.73 -7.18
N ALA A 3 27.81 20.43 -8.48
CA ALA A 3 28.04 19.06 -9.00
C ALA A 3 29.18 18.35 -8.26
N MET A 4 30.24 19.11 -7.95
CA MET A 4 31.44 18.58 -7.29
C MET A 4 31.14 18.06 -5.86
N SER A 5 30.07 18.55 -5.23
CA SER A 5 29.73 18.21 -3.88
C SER A 5 28.99 16.87 -3.72
N ILE A 6 28.57 16.25 -4.81
CA ILE A 6 27.52 15.21 -4.77
C ILE A 6 28.07 13.93 -5.34
N GLU A 7 27.94 12.83 -4.61
CA GLU A 7 28.22 11.48 -5.14
C GLU A 7 26.94 10.78 -5.34
N LYS A 8 26.72 10.20 -6.51
CA LYS A 8 25.42 9.52 -6.75
C LYS A 8 25.53 8.00 -6.78
N VAL A 9 24.49 7.31 -6.37
CA VAL A 9 24.46 5.88 -6.43
C VAL A 9 23.19 5.45 -7.18
N PRO A 10 23.32 4.51 -8.12
CA PRO A 10 22.11 4.11 -8.86
C PRO A 10 21.26 3.10 -8.10
N ILE A 11 19.96 3.18 -8.33
CA ILE A 11 19.04 2.19 -7.92
C ILE A 11 18.11 1.94 -9.12
N LEU A 12 18.02 0.67 -9.50
CA LEU A 12 17.32 0.24 -10.73
C LEU A 12 17.66 1.08 -11.95
N GLY A 13 18.95 1.29 -12.15
CA GLY A 13 19.45 2.07 -13.27
C GLY A 13 19.24 3.57 -13.29
N LYS A 14 18.79 4.18 -12.20
N LYS A 14 18.78 4.18 -12.18
CA LYS A 14 18.68 5.65 -12.14
CA LYS A 14 18.57 5.63 -12.07
C LYS A 14 19.31 6.19 -10.88
C LYS A 14 19.31 6.19 -10.86
N GLU A 15 20.00 7.32 -11.01
CA GLU A 15 20.80 7.92 -9.94
C GLU A 15 20.02 8.75 -8.94
N THR A 16 19.18 8.09 -8.14
CA THR A 16 18.32 8.78 -7.23
C THR A 16 18.79 8.81 -5.78
N ILE A 17 19.92 8.20 -5.49
CA ILE A 17 20.58 8.31 -4.19
C ILE A 17 21.77 9.25 -4.27
N HIS A 18 21.70 10.35 -3.54
CA HIS A 18 22.72 11.44 -3.64
C HIS A 18 23.31 11.62 -2.24
N VAL A 19 24.65 11.70 -2.16
CA VAL A 19 25.37 11.71 -0.88
C VAL A 19 26.30 12.91 -0.92
N GLY A 20 26.31 13.68 0.17
CA GLY A 20 27.28 14.76 0.33
C GLY A 20 27.35 15.21 1.78
N TYR A 21 28.03 16.34 2.00
CA TYR A 21 28.16 16.90 3.33
C TYR A 21 27.82 18.41 3.21
N GLY A 22 26.67 18.84 3.73
CA GLY A 22 26.25 20.25 3.66
C GLY A 22 25.69 20.54 2.29
N ILE A 23 24.59 19.87 2.02
CA ILE A 23 23.97 19.87 0.72
C ILE A 23 22.49 20.25 0.75
N ALA A 24 22.03 20.96 1.79
CA ALA A 24 20.60 21.40 1.76
C ALA A 24 20.15 22.14 0.48
N ASP A 25 20.97 22.99 -0.06
CA ASP A 25 20.61 23.70 -1.28
C ASP A 25 20.40 22.79 -2.49
N HIS A 26 21.22 21.74 -2.58
CA HIS A 26 21.11 20.77 -3.64
C HIS A 26 19.79 20.00 -3.53
N ILE A 27 19.46 19.57 -2.32
CA ILE A 27 18.22 18.81 -2.03
C ILE A 27 16.99 19.58 -2.53
N VAL A 28 16.99 20.85 -2.16
CA VAL A 28 15.97 21.84 -2.56
C VAL A 28 15.88 22.02 -4.07
N ARG A 29 17.01 22.38 -4.71
CA ARG A 29 17.00 22.50 -6.17
C ARG A 29 16.51 21.19 -6.88
N GLU A 30 17.08 20.06 -6.45
CA GLU A 30 16.79 18.77 -7.10
C GLU A 30 15.29 18.42 -7.00
N VAL A 31 14.71 18.65 -5.84
CA VAL A 31 13.29 18.29 -5.60
C VAL A 31 12.36 19.20 -6.40
N ILE A 32 12.56 20.50 -6.24
CA ILE A 32 11.70 21.51 -6.86
C ILE A 32 11.77 21.43 -8.41
N ALA A 33 12.94 21.10 -8.94
CA ALA A 33 13.16 21.07 -10.40
C ALA A 33 12.60 19.79 -11.05
N ASN A 34 12.78 18.67 -10.37
CA ASN A 34 12.45 17.34 -10.87
C ASN A 34 11.07 16.84 -10.46
N LEU A 35 10.55 17.30 -9.32
CA LEU A 35 9.26 16.84 -8.78
C LEU A 35 8.29 18.00 -8.70
N ALA A 36 7.71 18.31 -9.84
CA ALA A 36 6.83 19.48 -9.99
C ALA A 36 5.55 19.19 -9.22
N SER A 37 5.18 20.13 -8.35
CA SER A 37 3.99 20.00 -7.50
C SER A 37 3.45 21.36 -7.01
N SER A 38 2.16 21.40 -6.70
CA SER A 38 1.57 22.53 -6.00
C SER A 38 1.94 22.55 -4.52
N THR A 39 2.28 21.38 -3.95
CA THR A 39 2.43 21.27 -2.52
C THR A 39 3.58 20.34 -2.11
N TYR A 40 4.55 20.92 -1.38
CA TYR A 40 5.65 20.17 -0.80
C TYR A 40 5.44 20.18 0.69
N VAL A 41 5.64 19.02 1.32
CA VAL A 41 5.41 18.82 2.76
C VAL A 41 6.67 18.24 3.37
N ILE A 42 7.27 18.95 4.30
CA ILE A 42 8.38 18.39 5.07
C ILE A 42 7.90 17.89 6.44
N VAL A 43 8.13 16.61 6.73
CA VAL A 43 7.71 15.97 7.97
C VAL A 43 8.95 15.55 8.72
N THR A 44 8.98 15.84 10.02
CA THR A 44 10.14 15.49 10.84
C THR A 44 9.66 15.18 12.26
N ASP A 45 10.60 14.99 13.18
CA ASP A 45 10.25 14.84 14.59
C ASP A 45 10.84 15.96 15.45
N THR A 46 10.43 15.98 16.71
CA THR A 46 10.78 17.06 17.63
C THR A 46 12.30 17.31 17.73
N ASN A 47 13.08 16.21 17.78
CA ASN A 47 14.51 16.32 18.00
C ASN A 47 15.21 16.96 16.80
N MET A 48 14.79 16.58 15.60
CA MET A 48 15.41 17.05 14.38
C MET A 48 14.94 18.49 14.09
N ALA A 49 13.69 18.78 14.41
CA ALA A 49 13.10 20.11 14.19
C ALA A 49 13.87 21.26 14.81
N ARG A 50 14.55 20.98 15.90
CA ARG A 50 15.24 22.05 16.59
C ARG A 50 16.72 22.17 16.21
N THR A 51 17.19 21.40 15.22
CA THR A 51 18.62 21.45 14.87
C THR A 51 18.88 22.55 13.83
N PRO A 52 20.08 23.15 13.86
CA PRO A 52 20.39 24.15 12.82
C PRO A 52 20.25 23.67 11.36
N GLN A 53 20.73 22.47 11.05
CA GLN A 53 20.68 21.98 9.67
C GLN A 53 19.23 21.76 9.18
N TYR A 54 18.35 21.33 10.07
CA TYR A 54 16.96 21.27 9.72
C TYR A 54 16.45 22.65 9.30
N SER A 55 16.70 23.69 10.09
CA SER A 55 16.24 25.03 9.72
C SER A 55 16.86 25.51 8.42
N LYS A 56 18.11 25.16 8.21
CA LYS A 56 18.76 25.51 6.98
C LYS A 56 18.03 24.91 5.79
N LEU A 57 17.78 23.61 5.84
CA LEU A 57 16.99 22.95 4.83
C LEU A 57 15.63 23.63 4.60
N THR A 58 14.87 23.86 5.67
CA THR A 58 13.49 24.43 5.47
C THR A 58 13.51 25.90 5.01
N ASP A 59 14.43 26.67 5.53
CA ASP A 59 14.59 28.07 5.07
C ASP A 59 14.93 28.10 3.57
N ASP A 60 15.92 27.29 3.20
CA ASP A 60 16.34 27.16 1.81
C ASP A 60 15.17 26.70 0.94
N PHE A 61 14.41 25.67 1.39
CA PHE A 61 13.26 25.19 0.65
C PHE A 61 12.29 26.35 0.36
N LYS A 62 11.96 27.10 1.41
CA LYS A 62 10.98 28.22 1.32
C LYS A 62 11.40 29.30 0.33
N THR A 63 12.63 29.77 0.49
CA THR A 63 13.22 30.80 -0.36
C THR A 63 13.23 30.41 -1.84
N ASN A 64 13.79 29.25 -2.13
CA ASN A 64 13.83 28.73 -3.50
C ASN A 64 12.46 28.49 -4.11
N LEU A 65 11.52 28.01 -3.32
CA LEU A 65 10.21 27.71 -3.84
C LEU A 65 9.45 28.96 -4.19
N SER A 66 9.50 29.96 -3.34
CA SER A 66 8.76 31.19 -3.64
C SER A 66 9.36 31.94 -4.83
N GLU A 67 10.64 31.73 -5.11
CA GLU A 67 11.28 32.20 -6.34
C GLU A 67 10.87 31.38 -7.56
N LYS A 68 11.03 30.08 -7.47
CA LYS A 68 10.95 29.19 -8.63
C LYS A 68 9.57 28.67 -8.93
N ARG A 69 8.73 28.50 -7.91
CA ARG A 69 7.35 28.05 -8.05
C ARG A 69 6.45 28.87 -7.11
N PRO A 70 6.27 30.18 -7.43
CA PRO A 70 5.54 31.07 -6.52
C PRO A 70 4.12 30.64 -6.15
N GLU A 71 3.46 29.87 -7.02
CA GLU A 71 2.09 29.37 -6.75
C GLU A 71 2.06 28.07 -5.93
N SER A 72 3.21 27.44 -5.73
CA SER A 72 3.32 26.30 -4.84
C SER A 72 3.50 26.71 -3.41
N ARG A 73 3.30 25.77 -2.53
CA ARG A 73 3.51 26.03 -1.14
C ARG A 73 4.33 24.93 -0.50
N LEU A 74 4.96 25.34 0.61
CA LEU A 74 5.66 24.43 1.51
C LEU A 74 4.89 24.36 2.82
N LEU A 75 4.52 23.16 3.23
CA LEU A 75 3.96 22.89 4.56
C LEU A 75 4.95 22.07 5.38
N THR A 76 4.79 22.13 6.69
CA THR A 76 5.66 21.40 7.58
C THR A 76 4.79 20.72 8.61
N TYR A 77 5.20 19.55 9.06
CA TYR A 77 4.50 18.87 10.13
C TYR A 77 5.51 18.11 10.98
N CYS A 78 5.29 18.08 12.30
CA CYS A 78 6.21 17.49 13.24
C CYS A 78 5.49 16.45 14.09
N VAL A 79 6.10 15.28 14.19
CA VAL A 79 5.59 14.25 15.09
C VAL A 79 6.55 14.09 16.25
N SER A 80 6.09 13.38 17.28
CA SER A 80 6.95 13.06 18.44
C SER A 80 7.94 11.94 18.11
N PRO A 81 9.20 12.06 18.57
CA PRO A 81 10.18 10.98 18.34
C PRO A 81 9.87 9.73 19.14
N GLY A 82 10.60 8.66 18.84
CA GLY A 82 10.51 7.43 19.56
C GLY A 82 9.82 6.34 18.77
N GLU A 83 10.29 5.12 18.93
CA GLU A 83 9.65 3.95 18.33
C GLU A 83 8.21 3.81 18.86
N ASN A 84 7.99 4.26 20.11
CA ASN A 84 6.62 4.22 20.66
C ASN A 84 5.62 5.08 19.90
N ASN A 85 6.08 6.00 19.05
CA ASN A 85 5.21 6.82 18.18
C ASN A 85 5.18 6.37 16.72
N LYS A 86 5.79 5.23 16.43
CA LYS A 86 5.82 4.70 15.08
C LYS A 86 4.59 3.80 14.95
N ASN A 87 3.43 4.40 14.84
CA ASN A 87 2.20 3.67 15.10
C ASN A 87 1.05 4.24 14.25
N ARG A 88 -0.08 3.59 14.37
CA ARG A 88 -1.25 3.99 13.62
C ARG A 88 -1.77 5.36 13.90
N ALA A 89 -1.68 5.78 15.15
CA ALA A 89 -2.25 7.06 15.55
C ALA A 89 -1.41 8.17 14.92
N THR A 90 -0.09 8.02 14.89
CA THR A 90 0.74 9.02 14.24
C THR A 90 0.53 9.10 12.71
N LYS A 91 0.51 7.95 12.06
CA LYS A 91 0.19 7.86 10.63
C LYS A 91 -1.11 8.59 10.33
N ALA A 92 -2.17 8.35 11.12
CA ALA A 92 -3.44 9.03 10.95
C ALA A 92 -3.38 10.52 11.18
N ALA A 93 -2.64 10.93 12.20
CA ALA A 93 -2.47 12.33 12.48
C ALA A 93 -1.81 13.04 11.31
N VAL A 94 -0.79 12.42 10.74
CA VAL A 94 -0.08 13.04 9.61
C VAL A 94 -1.04 13.14 8.40
N GLU A 95 -1.79 12.07 8.16
CA GLU A 95 -2.81 12.03 7.08
C GLU A 95 -3.88 13.10 7.25
N ASP A 96 -4.39 13.25 8.48
CA ASP A 96 -5.40 14.29 8.77
C ASP A 96 -4.87 15.70 8.49
N PHE A 97 -3.62 15.94 8.84
CA PHE A 97 -2.99 17.21 8.54
C PHE A 97 -3.03 17.41 7.03
N LEU A 98 -2.58 16.42 6.27
CA LEU A 98 -2.50 16.54 4.80
C LEU A 98 -3.88 16.87 4.21
N LEU A 99 -4.89 16.18 4.72
CA LEU A 99 -6.24 16.33 4.24
C LEU A 99 -6.85 17.68 4.62
N GLN A 100 -6.62 18.08 5.87
CA GLN A 100 -7.05 19.40 6.37
C GLN A 100 -6.43 20.53 5.54
N GLN A 101 -5.19 20.35 5.07
CA GLN A 101 -4.50 21.34 4.25
C GLN A 101 -4.81 21.23 2.74
N GLY A 102 -5.68 20.30 2.35
CA GLY A 102 -6.09 20.17 0.96
C GLY A 102 -5.11 19.51 0.02
N CYS A 103 -4.27 18.64 0.55
CA CYS A 103 -3.27 17.96 -0.26
C CYS A 103 -3.93 16.90 -1.17
N THR A 104 -3.44 16.80 -2.40
CA THR A 104 -4.02 15.95 -3.44
C THR A 104 -2.95 14.98 -3.97
N ARG A 105 -3.17 14.34 -5.12
CA ARG A 105 -2.22 13.34 -5.60
C ARG A 105 -0.86 13.88 -6.05
N ASP A 106 -0.74 15.18 -6.33
CA ASP A 106 0.56 15.74 -6.70
C ASP A 106 1.51 16.05 -5.53
N THR A 107 1.03 15.89 -4.31
CA THR A 107 1.79 16.23 -3.13
C THR A 107 3.14 15.49 -3.14
N VAL A 108 4.17 16.21 -2.73
CA VAL A 108 5.50 15.66 -2.61
C VAL A 108 5.86 15.76 -1.13
N ILE A 109 6.17 14.61 -0.52
CA ILE A 109 6.48 14.56 0.91
C ILE A 109 7.96 14.24 1.11
N LEU A 110 8.60 15.02 1.96
CA LEU A 110 9.98 14.79 2.37
C LEU A 110 9.97 14.28 3.83
N ALA A 111 10.56 13.12 4.05
CA ALA A 111 10.66 12.48 5.36
C ALA A 111 12.04 12.75 5.91
N VAL A 112 12.16 13.76 6.78
CA VAL A 112 13.44 14.22 7.30
C VAL A 112 13.61 13.70 8.73
N GLY A 113 14.43 12.67 8.90
CA GLY A 113 14.59 12.04 10.21
C GLY A 113 15.30 10.71 10.13
N GLY A 114 15.27 9.98 11.24
CA GLY A 114 15.85 8.66 11.30
C GLY A 114 14.95 7.63 10.58
N GLY A 115 15.26 6.37 10.80
CA GLY A 115 14.48 5.29 10.22
C GLY A 115 13.03 5.23 10.69
N VAL A 116 12.73 5.74 11.88
CA VAL A 116 11.34 5.75 12.33
C VAL A 116 10.54 6.66 11.39
N ILE A 117 11.10 7.85 11.13
CA ILE A 117 10.45 8.82 10.22
C ILE A 117 10.41 8.28 8.80
N GLY A 118 11.57 7.78 8.32
CA GLY A 118 11.69 7.25 6.98
C GLY A 118 10.64 6.16 6.71
N ASP A 119 10.59 5.15 7.57
CA ASP A 119 9.62 4.11 7.38
C ASP A 119 8.18 4.64 7.50
N MET A 120 7.90 5.43 8.54
CA MET A 120 6.50 5.79 8.85
C MET A 120 5.94 6.80 7.88
N ILE A 121 6.73 7.83 7.54
CA ILE A 121 6.31 8.82 6.58
C ILE A 121 6.34 8.24 5.16
N GLY A 122 7.25 7.32 4.91
CA GLY A 122 7.17 6.58 3.68
C GLY A 122 5.86 5.85 3.51
N PHE A 123 5.37 5.26 4.60
CA PHE A 123 4.08 4.52 4.55
C PHE A 123 2.89 5.50 4.40
N VAL A 124 2.94 6.66 5.09
CA VAL A 124 1.97 7.70 4.87
C VAL A 124 1.91 8.03 3.35
N ALA A 125 3.08 8.28 2.72
CA ALA A 125 3.07 8.54 1.29
C ALA A 125 2.52 7.40 0.48
N ALA A 126 2.84 6.16 0.87
CA ALA A 126 2.40 4.97 0.08
C ALA A 126 0.89 4.84 -0.05
N THR A 127 0.17 5.28 0.98
CA THR A 127 -1.28 5.09 1.02
C THR A 127 -2.06 6.37 0.77
N PHE A 128 -1.38 7.52 0.75
CA PHE A 128 -2.11 8.78 0.67
C PHE A 128 -2.68 8.92 -0.74
N MET A 129 -3.99 8.89 -0.86
CA MET A 129 -4.70 8.82 -2.16
C MET A 129 -4.21 7.70 -3.03
N ARG A 130 -3.85 6.59 -2.36
CA ARG A 130 -3.25 5.42 -3.01
C ARG A 130 -1.85 5.58 -3.51
N GLY A 131 -1.16 6.63 -3.06
CA GLY A 131 0.25 6.77 -3.34
C GLY A 131 0.63 8.14 -3.89
N VAL A 132 1.53 8.81 -3.17
CA VAL A 132 2.19 10.04 -3.62
C VAL A 132 3.69 9.92 -3.46
N ARG A 133 4.36 10.83 -4.16
CA ARG A 133 5.82 10.86 -4.24
C ARG A 133 6.44 11.17 -2.90
N VAL A 134 7.42 10.39 -2.51
CA VAL A 134 8.17 10.59 -1.27
C VAL A 134 9.67 10.72 -1.51
N VAL A 135 10.28 11.59 -0.73
CA VAL A 135 11.74 11.85 -0.76
C VAL A 135 12.25 11.49 0.64
N GLN A 136 13.19 10.56 0.70
CA GLN A 136 13.84 10.21 1.98
C GLN A 136 15.03 11.15 2.22
N VAL A 137 15.03 11.76 3.39
CA VAL A 137 16.10 12.58 3.87
C VAL A 137 16.56 12.01 5.22
N PRO A 138 17.35 10.90 5.18
CA PRO A 138 17.75 10.26 6.43
C PRO A 138 18.76 11.11 7.23
N THR A 139 18.61 11.12 8.55
CA THR A 139 19.41 11.91 9.45
C THR A 139 20.15 11.10 10.50
N THR A 140 20.03 9.78 10.50
CA THR A 140 20.92 8.97 11.33
C THR A 140 21.86 8.20 10.41
N LEU A 141 22.95 7.70 10.95
CA LEU A 141 23.89 6.89 10.13
C LEU A 141 23.16 5.65 9.60
N LEU A 142 22.45 4.98 10.50
CA LEU A 142 21.67 3.80 10.15
C LEU A 142 20.71 4.11 8.99
N ALA A 143 20.00 5.22 9.08
CA ALA A 143 19.04 5.54 8.04
C ALA A 143 19.72 5.90 6.72
N MET A 144 20.88 6.58 6.80
CA MET A 144 21.62 6.96 5.59
C MET A 144 22.16 5.80 4.82
N VAL A 145 22.51 4.70 5.49
CA VAL A 145 23.14 3.59 4.78
C VAL A 145 22.21 2.42 4.50
N ASP A 146 21.12 2.26 5.28
CA ASP A 146 20.30 1.08 5.19
C ASP A 146 18.83 1.43 5.05
N SER A 147 18.18 1.96 6.08
CA SER A 147 16.72 2.04 6.12
C SER A 147 16.10 2.94 5.06
N SER A 148 16.78 4.03 4.64
CA SER A 148 16.21 4.90 3.63
C SER A 148 16.08 4.28 2.21
N VAL A 149 16.86 3.22 1.96
CA VAL A 149 16.98 2.59 0.68
C VAL A 149 16.26 1.27 0.62
N GLY A 150 15.46 1.11 -0.42
CA GLY A 150 14.80 -0.17 -0.74
C GLY A 150 13.30 -0.17 -0.79
N GLY A 151 12.68 0.90 -0.36
CA GLY A 151 11.26 1.09 -0.49
C GLY A 151 10.40 0.36 0.55
N LYS A 152 11.01 -0.23 1.56
CA LYS A 152 10.21 -0.86 2.61
C LYS A 152 9.75 0.20 3.58
N THR A 153 8.44 0.29 3.76
CA THR A 153 7.80 1.21 4.68
C THR A 153 6.86 0.40 5.61
N ALA A 154 6.65 0.89 6.83
CA ALA A 154 5.89 0.21 7.88
C ALA A 154 5.69 1.09 9.10
N ILE A 155 4.71 0.70 9.90
CA ILE A 155 4.56 1.14 11.29
C ILE A 155 4.41 -0.09 12.17
N ASP A 156 4.42 0.10 13.49
CA ASP A 156 4.42 -0.96 14.45
C ASP A 156 3.03 -1.08 15.03
N THR A 157 2.73 -2.21 15.61
CA THR A 157 1.49 -2.37 16.38
C THR A 157 1.91 -2.89 17.75
N PRO A 158 1.00 -2.86 18.74
CA PRO A 158 1.34 -3.48 20.03
C PRO A 158 1.76 -4.95 19.96
N LEU A 159 1.33 -5.71 18.95
CA LEU A 159 1.80 -7.12 18.77
C LEU A 159 3.16 -7.31 18.07
N GLY A 160 3.69 -6.25 17.48
CA GLY A 160 5.08 -6.27 17.00
C GLY A 160 5.36 -5.27 15.92
N LYS A 161 6.59 -5.36 15.42
CA LYS A 161 7.16 -4.30 14.68
C LYS A 161 7.05 -4.57 13.20
N ASN A 162 6.82 -3.48 12.45
CA ASN A 162 6.85 -3.46 11.02
C ASN A 162 5.91 -4.47 10.34
N PHE A 163 4.75 -4.67 10.93
CA PHE A 163 3.77 -5.65 10.47
C PHE A 163 2.78 -5.06 9.45
N ILE A 164 2.60 -3.76 9.48
CA ILE A 164 1.65 -3.07 8.60
C ILE A 164 2.48 -2.08 7.81
N GLY A 165 2.42 -2.18 6.47
CA GLY A 165 3.25 -1.32 5.63
C GLY A 165 3.05 -1.53 4.15
N ALA A 166 4.04 -1.10 3.37
CA ALA A 166 3.93 -1.11 1.95
C ALA A 166 5.34 -0.97 1.33
N PHE A 167 5.47 -1.50 0.13
CA PHE A 167 6.66 -1.31 -0.66
C PHE A 167 6.35 -0.03 -1.50
N HIS A 168 7.18 0.96 -1.34
CA HIS A 168 6.93 2.26 -1.96
C HIS A 168 8.28 2.89 -2.19
N GLN A 169 8.76 2.78 -3.41
CA GLN A 169 10.12 3.31 -3.77
C GLN A 169 10.12 4.81 -3.68
N PRO A 170 11.11 5.40 -2.99
CA PRO A 170 11.21 6.86 -2.98
C PRO A 170 11.73 7.43 -4.29
N GLU A 171 11.33 8.64 -4.63
CA GLU A 171 11.82 9.33 -5.84
C GLU A 171 13.30 9.62 -5.71
N TYR A 172 13.70 9.95 -4.49
CA TYR A 172 15.07 10.29 -4.18
C TYR A 172 15.38 9.90 -2.76
N VAL A 173 16.64 9.58 -2.54
CA VAL A 173 17.19 9.53 -1.19
C VAL A 173 18.34 10.53 -1.12
N PHE A 174 18.30 11.52 -0.20
CA PHE A 174 19.43 12.46 -0.05
C PHE A 174 20.11 12.19 1.30
N CYS A 175 21.37 11.77 1.28
CA CYS A 175 22.13 11.59 2.50
C CYS A 175 23.08 12.74 2.75
N ASP A 176 22.67 13.69 3.60
CA ASP A 176 23.48 14.82 3.93
C ASP A 176 24.16 14.52 5.25
N VAL A 177 25.45 14.23 5.16
CA VAL A 177 26.25 13.78 6.28
C VAL A 177 26.38 14.83 7.37
N SER A 178 26.08 16.09 7.06
CA SER A 178 26.13 17.15 8.04
C SER A 178 25.06 17.00 9.11
N PHE A 179 23.96 16.33 8.83
CA PHE A 179 22.98 16.04 9.90
C PHE A 179 23.58 15.28 11.09
N LEU A 180 24.63 14.50 10.82
CA LEU A 180 25.31 13.70 11.86
C LEU A 180 25.97 14.60 12.91
N GLU A 181 26.04 15.92 12.68
CA GLU A 181 26.68 16.81 13.67
C GLU A 181 25.94 16.89 14.99
N THR A 182 24.65 16.58 14.99
CA THR A 182 23.83 16.64 16.18
C THR A 182 23.34 15.25 16.66
N LEU A 183 23.80 14.17 16.02
CA LEU A 183 23.38 12.80 16.37
C LEU A 183 24.08 12.40 17.65
N PRO A 184 23.34 11.98 18.69
CA PRO A 184 24.03 11.48 19.90
C PRO A 184 25.03 10.34 19.57
N ALA A 185 26.17 10.32 20.27
CA ALA A 185 27.21 9.31 20.05
C ALA A 185 26.70 7.87 20.00
N ARG A 186 25.82 7.51 20.94
CA ARG A 186 25.37 6.12 21.00
C ARG A 186 24.67 5.73 19.69
N GLN A 187 23.86 6.63 19.14
CA GLN A 187 23.16 6.38 17.85
C GLN A 187 24.14 6.37 16.66
N PHE A 188 25.13 7.26 16.70
CA PHE A 188 26.14 7.34 15.67
C PHE A 188 26.89 6.00 15.61
N ILE A 189 27.34 5.52 16.73
CA ILE A 189 27.99 4.22 16.84
C ILE A 189 27.08 3.05 16.40
N ASN A 190 25.81 3.12 16.77
CA ASN A 190 24.78 2.12 16.44
C ASN A 190 24.74 1.88 14.92
N GLY A 191 24.81 2.96 14.17
CA GLY A 191 24.77 2.93 12.72
C GLY A 191 25.94 2.22 12.08
N MET A 192 27.08 2.23 12.76
CA MET A 192 28.27 1.52 12.30
C MET A 192 28.07 0.01 12.19
N ALA A 193 27.06 -0.59 12.83
CA ALA A 193 26.88 -2.03 12.66
C ALA A 193 26.60 -2.36 11.19
N GLU A 194 25.70 -1.64 10.55
CA GLU A 194 25.32 -1.91 9.16
C GLU A 194 26.47 -1.57 8.16
N VAL A 195 27.27 -0.57 8.53
CA VAL A 195 28.41 -0.16 7.72
C VAL A 195 29.47 -1.25 7.72
N VAL A 196 29.80 -1.75 8.89
CA VAL A 196 30.69 -2.90 8.99
C VAL A 196 30.09 -4.13 8.27
N LYS A 197 28.78 -4.34 8.43
CA LYS A 197 28.11 -5.46 7.79
C LYS A 197 28.26 -5.40 6.27
N THR A 198 28.04 -4.24 5.66
CA THR A 198 28.12 -4.17 4.17
C THR A 198 29.50 -4.42 3.65
N ALA A 199 30.51 -3.98 4.40
CA ALA A 199 31.88 -4.19 3.99
C ALA A 199 32.20 -5.67 4.14
N ALA A 200 31.76 -6.25 5.25
CA ALA A 200 32.01 -7.66 5.53
C ALA A 200 31.38 -8.65 4.52
N ILE A 201 30.18 -8.32 4.02
CA ILE A 201 29.53 -9.19 3.03
C ILE A 201 30.00 -8.97 1.57
N TRP A 202 30.59 -7.81 1.27
CA TRP A 202 30.80 -7.43 -0.11
C TRP A 202 32.11 -6.75 -0.52
N ASN A 203 32.84 -6.14 0.39
CA ASN A 203 33.92 -5.20 -0.02
C ASN A 203 35.06 -5.20 1.00
N GLU A 204 36.03 -6.11 0.79
CA GLU A 204 37.15 -6.25 1.69
C GLU A 204 38.05 -5.00 1.66
N GLU A 205 38.18 -4.34 0.51
CA GLU A 205 38.95 -3.07 0.43
C GLU A 205 38.32 -2.02 1.35
N GLU A 206 36.98 -1.91 1.37
CA GLU A 206 36.33 -0.95 2.22
C GLU A 206 36.51 -1.35 3.67
N PHE A 207 36.47 -2.66 3.95
CA PHE A 207 36.69 -3.15 5.30
C PHE A 207 38.09 -2.67 5.77
N THR A 208 39.08 -2.76 4.88
CA THR A 208 40.44 -2.30 5.24
C THR A 208 40.43 -0.78 5.57
N ARG A 209 39.76 0.00 4.71
CA ARG A 209 39.62 1.43 4.96
C ARG A 209 38.96 1.71 6.30
N LEU A 210 37.89 0.98 6.61
CA LEU A 210 37.23 1.14 7.88
C LEU A 210 38.11 0.78 9.08
N GLU A 211 38.92 -0.27 8.99
CA GLU A 211 39.92 -0.56 10.01
C GLU A 211 40.87 0.63 10.25
N ASN A 212 41.41 1.20 9.16
CA ASN A 212 42.35 2.32 9.24
C ASN A 212 41.69 3.60 9.76
N PHE A 213 40.38 3.74 9.55
CA PHE A 213 39.65 4.95 9.97
C PHE A 213 39.14 4.85 11.42
N SER A 214 39.07 3.64 11.97
CA SER A 214 38.34 3.39 13.23
C SER A 214 38.81 4.23 14.44
N LYS A 215 40.11 4.24 14.71
CA LYS A 215 40.68 4.98 15.87
C LYS A 215 40.24 6.44 15.87
N LYS A 216 40.41 7.06 14.70
CA LYS A 216 40.09 8.47 14.48
C LYS A 216 38.58 8.73 14.57
N PHE A 217 37.80 7.89 13.90
CA PHE A 217 36.35 8.03 13.93
C PHE A 217 35.88 8.01 15.38
N LEU A 218 36.32 7.00 16.14
CA LEU A 218 35.85 6.83 17.51
C LEU A 218 36.33 7.98 18.40
N SER A 219 37.56 8.46 18.24
CA SER A 219 38.01 9.53 19.15
C SER A 219 37.20 10.81 18.89
N VAL A 220 36.84 11.07 17.63
CA VAL A 220 36.06 12.26 17.25
C VAL A 220 34.62 12.15 17.79
N VAL A 221 33.97 11.02 17.51
CA VAL A 221 32.54 10.83 17.83
C VAL A 221 32.28 10.79 19.34
N THR A 222 33.21 10.25 20.11
CA THR A 222 33.04 10.17 21.56
C THR A 222 33.66 11.32 22.34
N SER A 223 34.24 12.31 21.66
CA SER A 223 34.71 13.54 22.37
C SER A 223 33.54 14.39 22.88
N LYS A 224 33.84 15.38 23.71
CA LYS A 224 32.83 16.28 24.28
C LYS A 224 32.22 17.16 23.23
N LYS A 225 33.08 17.76 22.40
CA LYS A 225 32.70 18.60 21.28
C LYS A 225 33.18 17.95 19.99
N PRO A 226 32.39 17.01 19.44
CA PRO A 226 32.83 16.40 18.18
C PRO A 226 33.03 17.41 17.04
N ASP A 227 34.12 17.27 16.31
CA ASP A 227 34.40 18.10 15.14
C ASP A 227 34.33 17.17 13.93
N LEU A 228 33.12 17.04 13.37
CA LEU A 228 32.96 16.13 12.23
C LEU A 228 33.56 16.61 10.93
N GLN A 229 33.60 17.92 10.72
CA GLN A 229 34.28 18.52 9.57
C GLN A 229 35.75 18.07 9.39
N SER A 230 36.46 17.81 10.48
CA SER A 230 37.82 17.30 10.36
C SER A 230 37.93 15.89 9.74
N ILE A 231 36.83 15.10 9.74
CA ILE A 231 36.78 13.76 9.10
C ILE A 231 35.67 13.69 8.03
N LYS A 232 35.35 14.83 7.46
CA LYS A 232 34.24 14.99 6.51
C LYS A 232 34.33 13.99 5.35
N ALA A 233 35.44 14.05 4.63
CA ALA A 233 35.68 13.20 3.48
C ALA A 233 35.55 11.70 3.82
N GLU A 234 36.07 11.31 4.98
CA GLU A 234 36.09 9.91 5.36
C GLU A 234 34.70 9.44 5.81
N LEU A 235 33.90 10.36 6.38
CA LEU A 235 32.51 10.06 6.71
C LEU A 235 31.64 9.93 5.47
N VAL A 236 31.83 10.79 4.49
CA VAL A 236 31.09 10.70 3.24
C VAL A 236 31.38 9.36 2.58
N LYS A 237 32.64 8.96 2.57
CA LYS A 237 33.07 7.71 1.96
C LYS A 237 32.43 6.53 2.69
N THR A 238 32.39 6.63 4.02
CA THR A 238 31.77 5.65 4.87
C THR A 238 30.30 5.41 4.49
N VAL A 239 29.53 6.48 4.35
CA VAL A 239 28.15 6.43 3.96
C VAL A 239 28.00 5.87 2.55
N LEU A 240 28.78 6.45 1.65
CA LEU A 240 28.72 6.13 0.24
C LEU A 240 28.99 4.65 0.02
N GLU A 241 30.04 4.08 0.63
CA GLU A 241 30.37 2.70 0.33
C GLU A 241 29.44 1.68 0.95
N SER A 242 28.78 2.03 2.05
CA SER A 242 27.78 1.13 2.63
C SER A 242 26.47 1.16 1.80
N VAL A 243 26.01 2.38 1.48
CA VAL A 243 24.75 2.55 0.70
C VAL A 243 24.94 2.02 -0.72
N ARG A 244 26.16 2.09 -1.27
CA ARG A 244 26.42 1.43 -2.55
C ARG A 244 26.05 -0.08 -2.57
N VAL A 245 26.39 -0.77 -1.49
CA VAL A 245 26.24 -2.20 -1.38
C VAL A 245 24.75 -2.47 -1.25
N LYS A 246 24.04 -1.69 -0.44
CA LYS A 246 22.59 -1.87 -0.28
C LYS A 246 21.88 -1.64 -1.62
N ALA A 247 22.22 -0.54 -2.27
CA ALA A 247 21.62 -0.24 -3.55
C ALA A 247 21.89 -1.27 -4.65
N GLY A 248 23.09 -1.82 -4.69
CA GLY A 248 23.42 -2.83 -5.69
C GLY A 248 22.62 -4.09 -5.51
N VAL A 249 22.41 -4.46 -4.25
CA VAL A 249 21.62 -5.65 -3.91
C VAL A 249 20.15 -5.43 -4.25
N VAL A 250 19.59 -4.29 -3.88
CA VAL A 250 18.22 -3.96 -4.25
C VAL A 250 17.99 -3.95 -5.78
N SER A 251 19.00 -3.52 -6.53
CA SER A 251 18.95 -3.45 -8.00
C SER A 251 19.07 -4.78 -8.75
N SER A 252 19.43 -5.86 -8.05
CA SER A 252 19.54 -7.21 -8.63
C SER A 252 18.19 -7.74 -9.19
N ASP A 253 18.30 -8.83 -9.95
CA ASP A 253 17.27 -9.30 -10.93
C ASP A 253 16.08 -10.04 -10.30
N GLU A 256 19.24 -13.40 -10.36
CA GLU A 256 20.06 -13.07 -9.19
C GLU A 256 19.32 -12.58 -7.91
N ALA A 257 18.09 -13.07 -7.68
CA ALA A 257 17.47 -13.01 -6.34
C ALA A 257 18.21 -14.02 -5.41
N GLY A 258 18.20 -13.80 -4.10
CA GLY A 258 19.13 -14.52 -3.21
C GLY A 258 20.23 -13.60 -2.70
N LEU A 259 20.72 -12.69 -3.54
CA LEU A 259 21.62 -11.64 -3.06
C LEU A 259 20.97 -10.81 -1.96
N ARG A 260 19.66 -10.55 -2.08
N ARG A 260 19.67 -10.54 -2.10
CA ARG A 260 18.92 -9.77 -1.07
CA ARG A 260 18.86 -9.83 -1.10
C ARG A 260 19.11 -10.29 0.35
C ARG A 260 19.11 -10.31 0.33
N ASN A 261 19.19 -11.61 0.52
CA ASN A 261 19.36 -12.19 1.83
C ASN A 261 20.72 -11.90 2.44
N LEU A 262 21.74 -11.59 1.63
CA LEU A 262 23.08 -11.32 2.18
C LEU A 262 23.10 -10.10 3.08
N LEU A 263 22.18 -9.18 2.83
CA LEU A 263 21.95 -8.04 3.71
C LEU A 263 21.49 -8.40 5.13
N ASN A 264 21.05 -9.65 5.34
CA ASN A 264 20.65 -10.13 6.64
C ASN A 264 21.80 -10.63 7.51
N PHE A 265 23.06 -10.47 7.07
CA PHE A 265 24.19 -10.92 7.86
C PHE A 265 24.14 -10.24 9.26
N GLY A 266 24.17 -11.04 10.31
CA GLY A 266 24.14 -10.52 11.67
C GLY A 266 22.72 -10.43 12.22
N HIS A 267 21.75 -10.33 11.32
CA HIS A 267 20.35 -10.13 11.68
C HIS A 267 19.62 -11.41 12.12
N THR A 268 20.05 -12.61 11.73
CA THR A 268 19.32 -13.82 12.16
C THR A 268 19.44 -13.96 13.69
N ILE A 269 20.67 -13.99 14.16
CA ILE A 269 20.91 -14.05 15.61
C ILE A 269 20.66 -12.68 16.25
N GLY A 270 21.06 -11.59 15.57
CA GLY A 270 20.88 -10.27 16.12
C GLY A 270 19.45 -9.86 16.44
N HIS A 271 18.49 -10.20 15.56
CA HIS A 271 17.08 -9.85 15.80
C HIS A 271 16.51 -10.65 17.00
N ALA A 272 16.96 -11.89 17.17
CA ALA A 272 16.58 -12.70 18.30
C ALA A 272 17.08 -12.05 19.64
N ILE A 273 18.34 -11.62 19.65
CA ILE A 273 18.92 -10.93 20.81
C ILE A 273 18.17 -9.64 21.10
N GLU A 274 17.91 -8.85 20.06
CA GLU A 274 17.15 -7.63 20.18
C GLU A 274 15.73 -7.81 20.74
N ALA A 275 15.06 -8.87 20.36
CA ALA A 275 13.70 -9.11 20.84
C ALA A 275 13.67 -9.29 22.36
N VAL A 276 14.72 -9.90 22.92
CA VAL A 276 14.80 -10.09 24.36
C VAL A 276 15.25 -8.81 25.06
N LEU A 277 16.22 -8.11 24.47
CA LEU A 277 16.90 -6.99 25.11
C LEU A 277 16.40 -5.59 24.76
N THR A 278 15.51 -5.47 23.76
CA THR A 278 14.90 -4.17 23.43
C THR A 278 13.94 -3.75 24.55
N PRO A 279 13.79 -2.46 24.85
CA PRO A 279 14.47 -1.33 24.19
C PRO A 279 15.83 -0.87 24.79
N GLU A 280 16.29 -1.49 25.86
CA GLU A 280 17.55 -1.09 26.46
C GLU A 280 18.77 -1.28 25.52
N ALA A 281 18.73 -2.29 24.66
CA ALA A 281 19.74 -2.48 23.65
C ALA A 281 19.23 -1.94 22.33
N LEU A 282 20.10 -1.26 21.59
CA LEU A 282 19.75 -0.80 20.26
C LEU A 282 19.98 -1.92 19.22
N HIS A 283 19.32 -1.76 18.09
CA HIS A 283 19.39 -2.70 16.97
C HIS A 283 20.81 -3.01 16.45
N GLY A 284 21.57 -1.96 16.15
CA GLY A 284 22.98 -2.13 15.69
C GLY A 284 23.89 -2.78 16.73
N GLU A 285 23.66 -2.47 17.99
CA GLU A 285 24.41 -3.14 19.04
C GLU A 285 24.15 -4.67 19.03
N CYS A 286 22.88 -5.07 18.85
CA CYS A 286 22.53 -6.49 18.75
C CYS A 286 23.04 -7.13 17.43
N VAL A 287 23.01 -6.37 16.33
CA VAL A 287 23.47 -6.87 15.05
C VAL A 287 24.98 -7.07 15.10
N SER A 288 25.70 -6.22 15.81
CA SER A 288 27.15 -6.40 15.98
C SER A 288 27.48 -7.77 16.60
N ILE A 289 26.80 -8.05 17.69
CA ILE A 289 26.95 -9.32 18.39
C ILE A 289 26.51 -10.46 17.48
N GLY A 290 25.41 -10.22 16.77
CA GLY A 290 24.83 -11.19 15.87
C GLY A 290 25.80 -11.59 14.76
N MET A 291 26.49 -10.61 14.23
CA MET A 291 27.50 -10.83 13.16
C MET A 291 28.63 -11.72 13.66
N ILE A 292 29.09 -11.46 14.88
CA ILE A 292 30.10 -12.28 15.53
C ILE A 292 29.62 -13.71 15.67
N LYS A 293 28.42 -13.93 16.22
CA LYS A 293 27.94 -15.29 16.39
C LYS A 293 27.72 -15.99 15.06
N GLU A 294 27.23 -15.27 14.04
CA GLU A 294 27.00 -15.89 12.73
C GLU A 294 28.33 -16.23 12.06
N ALA A 295 29.33 -15.37 12.24
CA ALA A 295 30.70 -15.65 11.79
C ALA A 295 31.29 -16.91 12.49
N GLU A 296 31.10 -17.01 13.80
CA GLU A 296 31.53 -18.20 14.55
C GLU A 296 30.84 -19.46 14.02
N LEU A 297 29.56 -19.32 13.66
CA LEU A 297 28.79 -20.41 13.04
C LEU A 297 29.39 -20.86 11.70
N SER A 298 29.70 -19.91 10.83
CA SER A 298 30.33 -20.23 9.56
C SER A 298 31.69 -20.90 9.80
N ARG A 299 32.46 -20.39 10.74
CA ARG A 299 33.74 -20.99 11.12
C ARG A 299 33.54 -22.40 11.64
N TYR A 300 32.59 -22.60 12.56
CA TYR A 300 32.24 -23.95 13.03
C TYR A 300 31.86 -24.93 11.90
N LEU A 301 31.15 -24.46 10.89
CA LEU A 301 30.79 -25.28 9.75
C LEU A 301 31.91 -25.46 8.72
N GLY A 302 33.10 -24.92 8.96
CA GLY A 302 34.27 -25.23 8.14
C GLY A 302 34.45 -24.31 6.95
N ILE A 303 33.74 -23.19 6.96
CA ILE A 303 33.66 -22.31 5.82
C ILE A 303 34.56 -21.12 6.15
N LEU A 304 34.21 -20.34 7.15
CA LEU A 304 34.96 -19.12 7.45
C LEU A 304 36.28 -19.42 8.17
N PRO A 305 37.43 -18.88 7.68
CA PRO A 305 38.66 -19.14 8.46
C PRO A 305 38.67 -18.36 9.81
N PRO A 306 39.24 -18.96 10.87
CA PRO A 306 39.28 -18.37 12.24
C PRO A 306 39.75 -16.94 12.28
N VAL A 307 40.72 -16.60 11.43
CA VAL A 307 41.29 -15.24 11.37
C VAL A 307 40.25 -14.19 11.01
N ALA A 308 39.25 -14.57 10.23
CA ALA A 308 38.19 -13.63 9.90
C ALA A 308 37.38 -13.22 11.11
N VAL A 309 37.15 -14.19 12.01
CA VAL A 309 36.35 -13.91 13.19
C VAL A 309 37.13 -12.94 14.09
N ALA A 310 38.43 -13.16 14.23
CA ALA A 310 39.28 -12.25 15.01
C ALA A 310 39.24 -10.85 14.40
N ARG A 311 39.37 -10.80 13.07
CA ARG A 311 39.43 -9.52 12.36
C ARG A 311 38.14 -8.70 12.49
N LEU A 312 37.02 -9.37 12.26
CA LEU A 312 35.70 -8.77 12.36
C LEU A 312 35.51 -8.19 13.75
N SER A 313 35.86 -9.01 14.77
CA SER A 313 35.68 -8.65 16.17
C SER A 313 36.48 -7.44 16.56
N LYS A 314 37.72 -7.36 16.06
CA LYS A 314 38.55 -6.18 16.33
C LYS A 314 37.95 -4.92 15.71
N CYS A 315 37.46 -5.04 14.49
CA CYS A 315 36.96 -3.86 13.80
C CYS A 315 35.67 -3.34 14.49
N LEU A 316 34.77 -4.25 14.84
CA LEU A 316 33.56 -3.85 15.55
C LEU A 316 33.83 -3.14 16.88
N VAL A 317 34.71 -3.67 17.71
CA VAL A 317 35.07 -3.01 18.94
C VAL A 317 35.78 -1.67 18.73
N ALA A 318 36.54 -1.53 17.65
CA ALA A 318 37.24 -0.27 17.38
C ALA A 318 36.27 0.86 17.04
N TYR A 319 35.08 0.47 16.55
CA TYR A 319 33.94 1.38 16.32
C TYR A 319 32.98 1.48 17.51
N GLY A 320 33.33 0.90 18.68
CA GLY A 320 32.57 1.14 19.90
C GLY A 320 31.37 0.24 20.09
N LEU A 321 31.30 -0.80 19.28
CA LEU A 321 30.22 -1.77 19.29
C LEU A 321 30.62 -3.02 20.08
N PRO A 322 29.63 -3.69 20.71
CA PRO A 322 29.94 -4.88 21.53
C PRO A 322 30.05 -6.11 20.66
N VAL A 323 30.85 -7.08 21.10
CA VAL A 323 30.98 -8.34 20.38
C VAL A 323 30.49 -9.56 21.15
N SER A 324 29.96 -9.34 22.35
CA SER A 324 29.32 -10.40 23.09
C SER A 324 28.23 -9.77 23.99
N ILE A 325 27.27 -10.57 24.39
CA ILE A 325 26.25 -10.11 25.37
C ILE A 325 26.82 -9.83 26.77
N ASP A 326 28.06 -10.25 27.04
CA ASP A 326 28.72 -9.99 28.31
C ASP A 326 29.77 -8.88 28.23
N ASP A 327 29.87 -8.17 27.09
CA ASP A 327 30.54 -6.87 27.03
C ASP A 327 30.15 -6.00 28.25
N LYS A 328 31.17 -5.47 28.93
CA LYS A 328 31.00 -4.69 30.17
C LYS A 328 29.97 -3.56 30.01
N GLU A 329 30.16 -2.72 29.00
CA GLU A 329 29.29 -1.56 28.79
C GLU A 329 27.89 -1.94 28.34
N PHE A 330 27.80 -3.04 27.60
CA PHE A 330 26.51 -3.55 27.13
C PHE A 330 25.66 -4.04 28.31
N LEU A 331 26.29 -4.74 29.26
CA LEU A 331 25.60 -5.19 30.46
C LEU A 331 25.02 -4.01 31.25
N LYS A 332 25.72 -2.87 31.28
CA LYS A 332 25.20 -1.66 31.96
C LYS A 332 23.95 -1.15 31.26
N LYS A 333 23.96 -1.10 29.93
CA LYS A 333 22.77 -0.65 29.19
C LYS A 333 21.57 -1.59 29.42
N VAL A 334 21.78 -2.91 29.35
CA VAL A 334 20.64 -3.88 29.43
C VAL A 334 20.17 -4.28 30.84
N GLY A 335 21.10 -4.32 31.80
CA GLY A 335 20.76 -4.57 33.19
C GLY A 335 20.12 -5.94 33.41
N PRO A 336 18.95 -5.98 34.07
CA PRO A 336 18.36 -7.28 34.41
C PRO A 336 17.87 -8.12 33.20
N LYS A 337 17.65 -7.50 32.04
CA LYS A 337 17.24 -8.26 30.86
C LYS A 337 18.28 -9.25 30.34
N ARG A 338 19.56 -9.00 30.62
CA ARG A 338 20.61 -9.94 30.25
C ARG A 338 20.26 -11.39 30.67
N HIS A 339 19.66 -11.56 31.85
CA HIS A 339 19.49 -12.89 32.43
C HIS A 339 18.37 -13.70 31.76
N TYR A 340 17.55 -13.03 30.96
CA TYR A 340 16.59 -13.68 30.07
C TYR A 340 17.12 -14.12 28.68
N VAL A 341 18.37 -13.81 28.35
CA VAL A 341 18.97 -14.34 27.11
C VAL A 341 19.43 -15.79 27.32
N GLU A 342 18.52 -16.73 27.06
CA GLU A 342 18.79 -18.17 27.10
C GLU A 342 18.71 -18.68 25.65
N ILE A 343 19.19 -19.88 25.40
CA ILE A 343 19.32 -20.44 24.05
C ILE A 343 17.95 -20.75 23.48
N ASP A 344 17.02 -21.24 24.30
CA ASP A 344 15.70 -21.63 23.80
C ASP A 344 14.81 -20.50 23.31
N ILE A 345 14.86 -19.35 23.96
CA ILE A 345 14.07 -18.20 23.53
C ILE A 345 14.69 -17.59 22.25
N LEU A 346 16.01 -17.67 22.12
CA LEU A 346 16.67 -17.18 20.88
C LEU A 346 16.22 -18.06 19.70
N LEU A 347 16.32 -19.37 19.89
CA LEU A 347 15.84 -20.35 18.90
C LEU A 347 14.36 -20.12 18.58
N LYS A 348 13.53 -19.87 19.59
CA LYS A 348 12.08 -19.70 19.36
C LYS A 348 11.84 -18.47 18.48
N LYS A 349 12.52 -17.37 18.80
CA LYS A 349 12.41 -16.16 18.00
C LYS A 349 12.95 -16.34 16.58
N MET A 350 14.09 -16.98 16.38
CA MET A 350 14.64 -17.16 15.04
C MET A 350 13.66 -17.98 14.18
N ALA A 351 13.04 -18.97 14.82
CA ALA A 351 12.01 -19.82 14.17
C ALA A 351 10.70 -19.06 13.84
N ILE A 352 10.23 -18.22 14.77
CA ILE A 352 9.03 -17.33 14.57
C ILE A 352 9.27 -16.37 13.40
N ASP A 353 10.49 -15.84 13.31
CA ASP A 353 10.87 -14.93 12.19
C ASP A 353 10.84 -15.60 10.78
N LYS A 354 10.96 -16.93 10.73
CA LYS A 354 10.85 -17.77 9.51
C LYS A 354 9.62 -18.73 9.52
N LYS A 355 8.54 -18.36 10.22
CA LYS A 355 7.34 -19.25 10.31
C LYS A 355 6.67 -19.46 8.95
N ASN A 356 6.81 -18.47 8.06
CA ASN A 356 6.41 -18.66 6.66
C ASN A 356 7.22 -19.77 5.95
N ASP A 357 8.55 -19.74 6.14
CA ASP A 357 9.53 -20.35 5.21
C ASP A 357 10.72 -21.00 5.88
N ILE A 361 15.17 -22.25 9.49
CA ILE A 361 16.07 -21.15 9.91
C ILE A 361 17.25 -20.92 8.97
N ARG A 362 17.22 -19.83 8.22
CA ARG A 362 18.30 -19.51 7.30
C ARG A 362 19.25 -18.45 7.85
N CYS A 363 20.45 -18.45 7.33
CA CYS A 363 21.52 -17.65 7.86
C CYS A 363 22.59 -17.36 6.80
N VAL A 364 23.12 -16.13 6.80
CA VAL A 364 24.25 -15.80 5.97
C VAL A 364 25.51 -16.47 6.53
N LEU A 365 26.30 -17.09 5.66
CA LEU A 365 27.55 -17.75 6.06
C LEU A 365 28.71 -17.05 5.36
N LEU A 366 29.43 -16.24 6.13
CA LEU A 366 30.55 -15.53 5.60
C LEU A 366 31.65 -16.52 5.18
N GLU A 367 32.25 -16.29 4.00
CA GLU A 367 33.33 -17.13 3.48
C GLU A 367 34.71 -16.54 3.76
N LYS A 368 34.80 -15.23 3.66
CA LYS A 368 35.94 -14.47 4.16
C LYS A 368 35.46 -13.04 4.30
N ILE A 369 36.29 -12.17 4.85
CA ILE A 369 35.94 -10.78 4.89
C ILE A 369 35.68 -10.31 3.46
N GLY A 370 34.48 -9.78 3.21
CA GLY A 370 34.11 -9.30 1.90
C GLY A 370 33.48 -10.27 0.89
N LYS A 371 33.17 -11.48 1.33
CA LYS A 371 32.58 -12.48 0.50
C LYS A 371 31.71 -13.47 1.31
N CYS A 372 30.47 -13.67 0.85
CA CYS A 372 29.54 -14.66 1.40
C CYS A 372 29.53 -15.97 0.60
N TYR A 373 29.53 -17.08 1.33
CA TYR A 373 29.63 -18.40 0.72
C TYR A 373 28.42 -18.67 -0.18
N GLN A 374 28.74 -18.88 -1.47
CA GLN A 374 27.79 -19.15 -2.55
C GLN A 374 26.81 -18.03 -2.85
N LEU A 375 27.06 -16.83 -2.33
CA LEU A 375 26.23 -15.67 -2.62
C LEU A 375 24.75 -15.84 -2.26
N LYS A 376 24.49 -16.61 -1.23
CA LYS A 376 23.14 -16.85 -0.77
C LYS A 376 23.21 -17.23 0.70
N ALA A 377 22.06 -17.17 1.36
CA ALA A 377 21.87 -17.65 2.73
C ALA A 377 21.73 -19.19 2.70
N HIS A 378 21.85 -19.82 3.87
CA HIS A 378 21.92 -21.26 3.96
C HIS A 378 21.07 -21.69 5.14
N GLN A 379 20.38 -22.82 4.99
CA GLN A 379 19.65 -23.42 6.11
C GLN A 379 20.68 -23.96 7.12
N VAL A 380 20.42 -23.70 8.40
CA VAL A 380 21.27 -24.20 9.49
C VAL A 380 20.37 -24.78 10.60
N SER A 381 20.88 -25.76 11.34
CA SER A 381 20.05 -26.52 12.29
C SER A 381 19.96 -25.83 13.63
N LYS A 382 18.93 -26.20 14.41
CA LYS A 382 18.81 -25.72 15.79
C LYS A 382 19.97 -26.21 16.64
N GLN A 383 20.49 -27.41 16.37
CA GLN A 383 21.68 -27.94 17.07
C GLN A 383 22.94 -27.08 16.88
N ASP A 384 23.23 -26.73 15.64
CA ASP A 384 24.45 -25.98 15.32
C ASP A 384 24.35 -24.53 15.84
N LEU A 385 23.15 -23.92 15.74
CA LEU A 385 22.93 -22.61 16.36
C LEU A 385 23.10 -22.68 17.87
N SER A 386 22.50 -23.72 18.46
CA SER A 386 22.64 -23.98 19.88
C SER A 386 24.11 -24.17 20.29
N PHE A 387 24.85 -24.94 19.51
CA PHE A 387 26.27 -25.12 19.76
C PHE A 387 27.04 -23.78 19.87
N VAL A 388 26.83 -22.91 18.89
CA VAL A 388 27.49 -21.60 18.86
C VAL A 388 26.98 -20.64 19.93
N LEU A 389 25.73 -20.77 20.36
CA LEU A 389 25.15 -19.84 21.37
C LEU A 389 25.26 -20.33 22.81
N THR A 390 25.62 -21.60 22.98
CA THR A 390 25.69 -22.20 24.31
C THR A 390 26.93 -21.71 25.01
N SER B 1 -24.47 -20.00 -17.52
CA SER B 1 -25.55 -20.66 -18.37
C SER B 1 -25.93 -22.08 -17.88
N ASN B 2 -27.02 -22.61 -18.45
CA ASN B 2 -27.33 -24.05 -18.32
C ASN B 2 -26.08 -24.90 -18.61
N ALA B 3 -25.58 -24.78 -19.86
CA ALA B 3 -24.36 -25.43 -20.41
C ALA B 3 -23.00 -25.17 -19.69
N MET B 4 -22.89 -24.13 -18.86
CA MET B 4 -21.62 -23.81 -18.20
C MET B 4 -21.88 -23.19 -16.83
N SER B 5 -21.66 -23.97 -15.78
CA SER B 5 -21.96 -23.51 -14.44
C SER B 5 -21.10 -22.29 -14.03
N ILE B 6 -19.91 -22.16 -14.61
CA ILE B 6 -19.01 -21.07 -14.28
C ILE B 6 -18.60 -20.45 -15.61
N GLU B 7 -18.84 -19.15 -15.79
CA GLU B 7 -18.27 -18.41 -16.90
C GLU B 7 -17.16 -17.46 -16.46
N LYS B 8 -16.07 -17.41 -17.21
CA LYS B 8 -14.86 -16.67 -16.81
C LYS B 8 -14.63 -15.45 -17.69
N VAL B 9 -13.99 -14.42 -17.12
CA VAL B 9 -13.65 -13.23 -17.86
C VAL B 9 -12.15 -12.99 -17.61
N PRO B 10 -11.40 -12.61 -18.64
CA PRO B 10 -9.98 -12.38 -18.43
C PRO B 10 -9.74 -11.01 -17.87
N ILE B 11 -8.71 -10.92 -17.05
CA ILE B 11 -8.20 -9.66 -16.65
C ILE B 11 -6.69 -9.74 -16.79
N LEU B 12 -6.14 -8.77 -17.51
CA LEU B 12 -4.69 -8.77 -17.85
C LEU B 12 -4.16 -10.16 -18.27
N GLY B 13 -4.84 -10.79 -19.21
CA GLY B 13 -4.42 -12.08 -19.73
C GLY B 13 -4.78 -13.34 -18.95
N LYS B 14 -5.40 -13.22 -17.76
CA LYS B 14 -5.68 -14.37 -16.93
C LYS B 14 -7.16 -14.41 -16.53
N GLU B 15 -7.73 -15.60 -16.52
CA GLU B 15 -9.17 -15.82 -16.31
C GLU B 15 -9.52 -15.98 -14.85
N THR B 16 -9.35 -14.91 -14.10
CA THR B 16 -9.49 -14.97 -12.66
C THR B 16 -10.78 -14.30 -12.14
N ILE B 17 -11.66 -13.88 -13.07
CA ILE B 17 -13.01 -13.44 -12.72
C ILE B 17 -13.96 -14.55 -13.11
N HIS B 18 -14.68 -15.11 -12.13
CA HIS B 18 -15.53 -16.30 -12.36
C HIS B 18 -16.93 -15.94 -11.99
N VAL B 19 -17.90 -16.24 -12.84
CA VAL B 19 -19.31 -15.85 -12.60
C VAL B 19 -20.20 -17.08 -12.70
N GLY B 20 -21.10 -17.25 -11.73
CA GLY B 20 -22.15 -18.27 -11.81
C GLY B 20 -23.20 -18.08 -10.72
N TYR B 21 -24.06 -19.09 -10.54
CA TYR B 21 -25.16 -19.04 -9.59
C TYR B 21 -25.09 -20.25 -8.69
N GLY B 22 -24.77 -20.04 -7.41
CA GLY B 22 -24.69 -21.16 -6.46
C GLY B 22 -23.39 -21.90 -6.68
N ILE B 23 -22.29 -21.25 -6.34
CA ILE B 23 -20.96 -21.72 -6.69
C ILE B 23 -20.04 -21.76 -5.50
N ALA B 24 -20.58 -21.90 -4.29
CA ALA B 24 -19.69 -21.92 -3.09
C ALA B 24 -18.62 -23.02 -3.19
N ASP B 25 -19.11 -24.20 -3.57
CA ASP B 25 -18.29 -25.37 -3.90
C ASP B 25 -17.05 -25.06 -4.77
N HIS B 26 -17.32 -24.43 -5.90
CA HIS B 26 -16.29 -24.05 -6.86
C HIS B 26 -15.34 -23.03 -6.27
N ILE B 27 -15.91 -22.05 -5.58
CA ILE B 27 -15.07 -21.01 -4.94
C ILE B 27 -14.02 -21.65 -4.04
N VAL B 28 -14.50 -22.49 -3.15
CA VAL B 28 -13.69 -23.18 -2.19
C VAL B 28 -12.62 -24.03 -2.86
N ARG B 29 -12.98 -24.88 -3.83
CA ARG B 29 -11.96 -25.75 -4.49
C ARG B 29 -10.89 -24.96 -5.23
N GLU B 30 -11.32 -23.90 -5.91
CA GLU B 30 -10.41 -23.09 -6.72
C GLU B 30 -9.37 -22.39 -5.84
N VAL B 31 -9.83 -21.77 -4.76
CA VAL B 31 -8.99 -21.12 -3.78
C VAL B 31 -8.00 -22.08 -3.13
N ILE B 32 -8.50 -23.17 -2.57
CA ILE B 32 -7.64 -24.11 -1.87
C ILE B 32 -6.64 -24.75 -2.83
N ALA B 33 -7.07 -25.11 -4.03
CA ALA B 33 -6.17 -25.75 -4.98
C ALA B 33 -5.08 -24.84 -5.52
N ASN B 34 -5.42 -23.60 -5.81
CA ASN B 34 -4.50 -22.70 -6.54
C ASN B 34 -3.74 -21.70 -5.67
N LEU B 35 -4.23 -21.43 -4.46
CA LEU B 35 -3.62 -20.48 -3.56
C LEU B 35 -3.21 -21.25 -2.31
N ALA B 36 -2.08 -21.94 -2.39
CA ALA B 36 -1.57 -22.77 -1.29
C ALA B 36 -1.21 -21.89 -0.10
N SER B 37 -1.68 -22.26 1.08
CA SER B 37 -1.48 -21.43 2.27
C SER B 37 -1.70 -22.20 3.55
N SER B 38 -0.94 -21.83 4.61
CA SER B 38 -1.18 -22.32 5.97
C SER B 38 -2.48 -21.78 6.57
N THR B 39 -2.94 -20.61 6.11
CA THR B 39 -4.02 -19.88 6.73
C THR B 39 -4.91 -19.14 5.72
N TYR B 40 -6.18 -19.54 5.69
CA TYR B 40 -7.21 -18.83 4.90
C TYR B 40 -8.12 -18.05 5.86
N VAL B 41 -8.52 -16.85 5.47
CA VAL B 41 -9.32 -16.02 6.36
C VAL B 41 -10.46 -15.44 5.58
N ILE B 42 -11.68 -15.81 5.98
CA ILE B 42 -12.90 -15.20 5.43
C ILE B 42 -13.33 -14.03 6.33
N VAL B 43 -13.45 -12.85 5.72
CA VAL B 43 -13.88 -11.63 6.38
C VAL B 43 -15.17 -11.09 5.78
N THR B 44 -16.11 -10.79 6.64
CA THR B 44 -17.45 -10.33 6.20
C THR B 44 -18.01 -9.29 7.16
N ASP B 45 -19.25 -8.87 6.91
CA ASP B 45 -20.00 -8.06 7.86
C ASP B 45 -21.18 -8.87 8.50
N THR B 46 -21.79 -8.28 9.52
CA THR B 46 -22.94 -8.91 10.24
C THR B 46 -24.14 -9.33 9.41
N ASN B 47 -24.54 -8.45 8.50
CA ASN B 47 -25.65 -8.73 7.58
C ASN B 47 -25.33 -9.94 6.74
N MET B 48 -24.16 -9.94 6.09
CA MET B 48 -23.78 -11.07 5.26
C MET B 48 -23.58 -12.35 6.10
N ALA B 49 -23.01 -12.21 7.30
CA ALA B 49 -22.76 -13.33 8.19
C ALA B 49 -24.01 -14.16 8.54
N ARG B 50 -25.18 -13.51 8.57
CA ARG B 50 -26.49 -14.15 8.88
C ARG B 50 -27.19 -14.87 7.73
N THR B 51 -26.72 -14.67 6.50
CA THR B 51 -27.39 -15.26 5.34
C THR B 51 -27.01 -16.73 5.18
N PRO B 52 -27.91 -17.54 4.63
CA PRO B 52 -27.62 -18.97 4.38
C PRO B 52 -26.47 -19.24 3.40
N GLN B 53 -26.41 -18.46 2.34
CA GLN B 53 -25.30 -18.60 1.38
C GLN B 53 -23.91 -18.39 2.00
N TYR B 54 -23.78 -17.44 2.93
CA TYR B 54 -22.52 -17.26 3.63
C TYR B 54 -22.13 -18.51 4.44
N SER B 55 -23.07 -19.08 5.17
CA SER B 55 -22.80 -20.29 5.97
C SER B 55 -22.42 -21.48 5.11
N LYS B 56 -23.06 -21.58 3.95
CA LYS B 56 -22.76 -22.62 2.97
C LYS B 56 -21.30 -22.50 2.52
N LEU B 57 -20.85 -21.28 2.24
CA LEU B 57 -19.47 -21.05 1.84
C LEU B 57 -18.45 -21.47 2.89
N THR B 58 -18.66 -21.04 4.14
CA THR B 58 -17.71 -21.32 5.22
C THR B 58 -17.69 -22.79 5.57
N ASP B 59 -18.85 -23.40 5.61
CA ASP B 59 -18.99 -24.85 5.76
C ASP B 59 -18.25 -25.60 4.69
N ASP B 60 -18.49 -25.23 3.43
CA ASP B 60 -17.83 -25.86 2.31
C ASP B 60 -16.34 -25.61 2.47
N PHE B 61 -15.95 -24.37 2.84
CA PHE B 61 -14.53 -24.07 2.96
C PHE B 61 -13.87 -24.97 4.01
N LYS B 62 -14.45 -25.00 5.19
CA LYS B 62 -14.04 -25.89 6.30
C LYS B 62 -13.82 -27.34 5.91
N THR B 63 -14.85 -27.96 5.32
CA THR B 63 -14.80 -29.37 4.96
C THR B 63 -13.73 -29.70 3.93
N ASN B 64 -13.63 -28.88 2.88
CA ASN B 64 -12.66 -29.15 1.82
C ASN B 64 -11.25 -28.94 2.34
N LEU B 65 -11.07 -27.89 3.15
CA LEU B 65 -9.77 -27.63 3.72
C LEU B 65 -9.27 -28.77 4.63
N SER B 66 -10.16 -29.30 5.47
CA SER B 66 -9.90 -30.49 6.26
C SER B 66 -9.46 -31.67 5.42
N GLU B 67 -10.00 -31.84 4.23
CA GLU B 67 -9.59 -32.96 3.38
C GLU B 67 -8.30 -32.69 2.62
N LYS B 68 -8.23 -31.51 2.00
CA LYS B 68 -7.17 -31.15 1.06
C LYS B 68 -5.84 -30.71 1.71
N ARG B 69 -5.96 -29.94 2.79
CA ARG B 69 -4.81 -29.31 3.45
C ARG B 69 -5.02 -29.41 4.96
N PRO B 70 -4.88 -30.63 5.51
CA PRO B 70 -5.06 -30.83 6.93
C PRO B 70 -4.25 -29.92 7.85
N GLU B 71 -3.02 -29.52 7.46
CA GLU B 71 -2.17 -28.66 8.32
C GLU B 71 -2.65 -27.20 8.32
N SER B 72 -3.41 -26.82 7.30
CA SER B 72 -3.87 -25.44 7.14
C SER B 72 -5.06 -25.18 8.01
N ARG B 73 -5.35 -23.91 8.24
CA ARG B 73 -6.42 -23.43 9.12
C ARG B 73 -7.33 -22.52 8.33
N LEU B 74 -8.62 -22.56 8.65
CA LEU B 74 -9.58 -21.53 8.21
C LEU B 74 -9.94 -20.67 9.39
N LEU B 75 -9.86 -19.35 9.22
CA LEU B 75 -10.26 -18.34 10.25
C LEU B 75 -11.41 -17.48 9.66
N THR B 76 -12.29 -16.97 10.51
CA THR B 76 -13.36 -16.10 10.08
C THR B 76 -13.46 -14.95 11.06
N TYR B 77 -13.83 -13.80 10.56
CA TYR B 77 -13.92 -12.59 11.31
C TYR B 77 -15.05 -11.76 10.72
N CYS B 78 -15.82 -11.11 11.58
CA CYS B 78 -16.93 -10.28 11.18
C CYS B 78 -16.81 -8.85 11.70
N VAL B 79 -16.96 -7.88 10.80
CA VAL B 79 -17.05 -6.46 11.18
C VAL B 79 -18.53 -6.12 11.19
N SER B 80 -18.87 -5.02 11.85
CA SER B 80 -20.17 -4.36 11.66
C SER B 80 -20.41 -3.76 10.24
N PRO B 81 -21.66 -3.79 9.76
CA PRO B 81 -21.97 -3.25 8.42
C PRO B 81 -22.06 -1.71 8.36
N GLY B 82 -22.08 -1.15 7.15
CA GLY B 82 -22.32 0.30 6.92
C GLY B 82 -21.06 1.04 6.43
N GLU B 83 -21.24 2.03 5.57
CA GLU B 83 -20.18 2.99 5.14
C GLU B 83 -19.49 3.67 6.37
N ASN B 84 -20.26 3.90 7.44
CA ASN B 84 -19.71 4.50 8.69
C ASN B 84 -18.65 3.65 9.37
N ASN B 85 -18.60 2.36 9.12
CA ASN B 85 -17.51 1.50 9.59
C ASN B 85 -16.35 1.26 8.57
N LYS B 86 -16.37 1.96 7.44
CA LYS B 86 -15.33 1.83 6.40
C LYS B 86 -14.24 2.80 6.80
N ASN B 87 -13.50 2.46 7.82
CA ASN B 87 -12.61 3.44 8.48
C ASN B 87 -11.32 2.83 9.06
N ARG B 88 -10.47 3.71 9.61
CA ARG B 88 -9.20 3.24 10.17
C ARG B 88 -9.35 2.32 11.32
N ALA B 89 -10.37 2.54 12.16
CA ALA B 89 -10.56 1.67 13.36
C ALA B 89 -10.87 0.27 12.96
N THR B 90 -11.74 0.12 11.96
CA THR B 90 -12.10 -1.21 11.47
C THR B 90 -10.95 -1.89 10.79
N LYS B 91 -10.22 -1.15 9.92
CA LYS B 91 -9.05 -1.72 9.35
C LYS B 91 -8.10 -2.25 10.43
N ALA B 92 -7.86 -1.43 11.43
CA ALA B 92 -6.93 -1.81 12.53
C ALA B 92 -7.43 -3.02 13.33
N ALA B 93 -8.75 -3.11 13.49
CA ALA B 93 -9.34 -4.24 14.21
C ALA B 93 -9.14 -5.53 13.43
N VAL B 94 -9.29 -5.49 12.10
CA VAL B 94 -9.09 -6.68 11.31
C VAL B 94 -7.62 -7.10 11.38
N GLU B 95 -6.72 -6.12 11.28
CA GLU B 95 -5.29 -6.41 11.38
C GLU B 95 -4.89 -7.05 12.72
N ASP B 96 -5.46 -6.51 13.80
CA ASP B 96 -5.13 -6.95 15.19
C ASP B 96 -5.59 -8.41 15.36
N PHE B 97 -6.71 -8.73 14.75
CA PHE B 97 -7.16 -10.14 14.63
C PHE B 97 -6.18 -11.04 13.89
N LEU B 98 -5.74 -10.60 12.70
CA LEU B 98 -4.80 -11.39 11.89
C LEU B 98 -3.48 -11.60 12.66
N LEU B 99 -3.00 -10.55 13.35
CA LEU B 99 -1.76 -10.63 14.10
C LEU B 99 -1.87 -11.54 15.32
N GLN B 100 -2.95 -11.40 16.09
CA GLN B 100 -3.19 -12.30 17.22
C GLN B 100 -3.18 -13.77 16.81
N GLN B 101 -3.67 -14.03 15.61
CA GLN B 101 -3.74 -15.37 15.05
C GLN B 101 -2.44 -15.86 14.41
N GLY B 102 -1.41 -14.98 14.37
CA GLY B 102 -0.12 -15.38 13.87
C GLY B 102 -0.14 -15.56 12.36
N CYS B 103 -0.99 -14.79 11.67
CA CYS B 103 -1.01 -14.79 10.20
C CYS B 103 0.32 -14.24 9.70
N THR B 104 0.81 -14.81 8.62
CA THR B 104 2.07 -14.40 8.02
C THR B 104 1.85 -14.03 6.54
N ARG B 105 2.95 -13.84 5.80
CA ARG B 105 2.86 -13.45 4.41
C ARG B 105 2.10 -14.40 3.49
N ASP B 106 1.96 -15.68 3.88
CA ASP B 106 1.27 -16.63 3.04
C ASP B 106 -0.26 -16.57 3.19
N THR B 107 -0.76 -15.73 4.09
CA THR B 107 -2.22 -15.71 4.40
C THR B 107 -3.02 -15.38 3.15
N VAL B 108 -4.13 -16.09 2.94
CA VAL B 108 -5.06 -15.78 1.88
C VAL B 108 -6.34 -15.24 2.49
N ILE B 109 -6.72 -14.03 2.16
CA ILE B 109 -7.92 -13.35 2.71
C ILE B 109 -9.03 -13.33 1.67
N LEU B 110 -10.22 -13.81 2.05
CA LEU B 110 -11.41 -13.70 1.20
C LEU B 110 -12.30 -12.58 1.74
N ALA B 111 -12.65 -11.64 0.89
CA ALA B 111 -13.48 -10.47 1.25
C ALA B 111 -14.87 -10.73 0.74
N VAL B 112 -15.77 -11.11 1.65
CA VAL B 112 -17.12 -11.56 1.29
C VAL B 112 -18.09 -10.46 1.72
N GLY B 113 -18.60 -9.73 0.76
CA GLY B 113 -19.53 -8.61 1.10
C GLY B 113 -19.69 -7.65 -0.06
N GLY B 114 -20.23 -6.46 0.20
CA GLY B 114 -20.39 -5.44 -0.84
C GLY B 114 -19.12 -4.67 -1.05
N GLY B 115 -19.19 -3.52 -1.73
CA GLY B 115 -18.02 -2.69 -1.98
C GLY B 115 -17.33 -2.19 -0.74
N VAL B 116 -18.09 -2.00 0.37
CA VAL B 116 -17.47 -1.56 1.59
C VAL B 116 -16.40 -2.57 2.04
N ILE B 117 -16.84 -3.82 2.13
CA ILE B 117 -15.98 -4.92 2.49
C ILE B 117 -14.91 -5.12 1.45
N GLY B 118 -15.27 -5.07 0.17
CA GLY B 118 -14.32 -5.33 -0.90
C GLY B 118 -13.15 -4.34 -0.88
N ASP B 119 -13.49 -3.05 -0.78
CA ASP B 119 -12.50 -1.98 -0.68
C ASP B 119 -11.69 -2.09 0.62
N MET B 120 -12.38 -2.21 1.74
CA MET B 120 -11.71 -2.15 3.06
C MET B 120 -10.80 -3.35 3.37
N ILE B 121 -11.30 -4.52 3.10
CA ILE B 121 -10.54 -5.76 3.30
C ILE B 121 -9.53 -5.96 2.19
N GLY B 122 -9.80 -5.44 1.02
CA GLY B 122 -8.76 -5.35 -0.01
C GLY B 122 -7.56 -4.53 0.47
N PHE B 123 -7.85 -3.43 1.14
CA PHE B 123 -6.84 -2.55 1.70
C PHE B 123 -6.11 -3.19 2.89
N VAL B 124 -6.85 -3.88 3.77
CA VAL B 124 -6.20 -4.70 4.77
C VAL B 124 -5.19 -5.66 4.12
N ALA B 125 -5.60 -6.40 3.09
CA ALA B 125 -4.69 -7.35 2.47
C ALA B 125 -3.48 -6.62 1.82
N ALA B 126 -3.73 -5.43 1.28
CA ALA B 126 -2.69 -4.68 0.62
C ALA B 126 -1.52 -4.29 1.53
N THR B 127 -1.77 -3.95 2.78
CA THR B 127 -0.75 -3.55 3.71
C THR B 127 -0.37 -4.59 4.77
N PHE B 128 -1.03 -5.76 4.80
CA PHE B 128 -0.71 -6.77 5.80
C PHE B 128 0.64 -7.39 5.46
N MET B 129 1.65 -7.13 6.29
CA MET B 129 3.03 -7.51 6.05
C MET B 129 3.50 -7.05 4.66
N ARG B 130 2.95 -5.91 4.25
CA ARG B 130 3.22 -5.23 2.97
C ARG B 130 2.63 -5.92 1.79
N GLY B 131 1.60 -6.77 2.02
CA GLY B 131 0.88 -7.35 0.93
C GLY B 131 0.72 -8.88 1.05
N VAL B 132 -0.55 -9.29 1.08
CA VAL B 132 -0.93 -10.70 0.99
C VAL B 132 -2.04 -10.91 -0.02
N ARG B 133 -2.18 -12.14 -0.48
CA ARG B 133 -3.18 -12.49 -1.47
C ARG B 133 -4.61 -12.27 -1.00
N VAL B 134 -5.44 -11.63 -1.81
CA VAL B 134 -6.87 -11.40 -1.49
C VAL B 134 -7.70 -11.90 -2.64
N VAL B 135 -8.85 -12.44 -2.28
CA VAL B 135 -9.85 -12.93 -3.18
C VAL B 135 -11.11 -12.11 -2.92
N GLN B 136 -11.66 -11.54 -3.97
CA GLN B 136 -12.86 -10.70 -3.84
C GLN B 136 -14.05 -11.65 -4.03
N VAL B 137 -14.97 -11.62 -3.07
CA VAL B 137 -16.23 -12.39 -3.17
C VAL B 137 -17.42 -11.39 -3.03
N PRO B 138 -17.71 -10.63 -4.10
CA PRO B 138 -18.72 -9.59 -3.99
C PRO B 138 -20.13 -10.11 -3.84
N THR B 139 -20.91 -9.44 -3.03
CA THR B 139 -22.24 -9.91 -2.69
C THR B 139 -23.36 -8.92 -3.04
N THR B 140 -23.04 -7.72 -3.56
CA THR B 140 -24.03 -6.77 -4.09
C THR B 140 -23.89 -6.72 -5.58
N LEU B 141 -24.92 -6.28 -6.30
CA LEU B 141 -24.80 -6.15 -7.77
C LEU B 141 -23.68 -5.17 -8.19
N LEU B 142 -23.67 -4.00 -7.57
CA LEU B 142 -22.60 -3.01 -7.79
C LEU B 142 -21.21 -3.66 -7.61
N ALA B 143 -21.03 -4.44 -6.55
CA ALA B 143 -19.71 -4.97 -6.25
C ALA B 143 -19.32 -6.05 -7.27
N MET B 144 -20.30 -6.88 -7.63
CA MET B 144 -20.12 -7.89 -8.68
C MET B 144 -19.70 -7.37 -10.04
N VAL B 145 -20.19 -6.21 -10.46
CA VAL B 145 -19.89 -5.72 -11.81
C VAL B 145 -18.82 -4.64 -11.86
N ASP B 146 -18.60 -3.94 -10.75
CA ASP B 146 -17.72 -2.81 -10.75
C ASP B 146 -16.69 -2.82 -9.67
N SER B 147 -17.06 -2.69 -8.39
CA SER B 147 -16.05 -2.38 -7.38
C SER B 147 -15.07 -3.51 -7.11
N SER B 148 -15.47 -4.76 -7.33
CA SER B 148 -14.60 -5.88 -7.07
C SER B 148 -13.42 -6.00 -8.02
N VAL B 149 -13.54 -5.39 -9.19
CA VAL B 149 -12.59 -5.53 -10.28
C VAL B 149 -11.81 -4.21 -10.45
N GLY B 150 -10.50 -4.33 -10.51
CA GLY B 150 -9.61 -3.21 -10.86
C GLY B 150 -8.54 -2.92 -9.84
N GLY B 151 -8.65 -3.52 -8.67
CA GLY B 151 -7.64 -3.38 -7.65
C GLY B 151 -7.65 -2.12 -6.79
N LYS B 152 -8.67 -1.27 -6.90
CA LYS B 152 -8.74 -0.07 -6.08
C LYS B 152 -9.29 -0.45 -4.73
N THR B 153 -8.50 -0.21 -3.70
CA THR B 153 -8.87 -0.39 -2.31
C THR B 153 -8.75 0.95 -1.56
N ALA B 154 -9.50 1.09 -0.48
CA ALA B 154 -9.47 2.29 0.32
C ALA B 154 -10.34 2.18 1.53
N ILE B 155 -10.16 3.17 2.41
CA ILE B 155 -11.14 3.48 3.48
C ILE B 155 -11.39 4.95 3.53
N ASP B 156 -12.38 5.36 4.34
CA ASP B 156 -12.75 6.78 4.49
C ASP B 156 -12.17 7.34 5.73
N THR B 157 -12.08 8.66 5.76
CA THR B 157 -11.74 9.41 6.96
C THR B 157 -12.88 10.42 7.19
N PRO B 158 -12.95 11.01 8.38
CA PRO B 158 -13.99 12.02 8.60
C PRO B 158 -13.96 13.19 7.60
N LEU B 159 -12.81 13.47 6.96
CA LEU B 159 -12.74 14.51 5.91
C LEU B 159 -13.25 14.06 4.53
N GLY B 160 -13.11 12.80 4.14
CA GLY B 160 -13.77 12.37 2.91
C GLY B 160 -13.57 10.93 2.56
N LYS B 161 -14.18 10.50 1.47
CA LYS B 161 -14.24 9.11 1.09
C LYS B 161 -13.02 8.64 0.30
N ASN B 162 -12.61 7.42 0.59
CA ASN B 162 -11.58 6.72 -0.17
C ASN B 162 -10.27 7.54 -0.33
N PHE B 163 -9.88 8.28 0.70
CA PHE B 163 -8.65 9.09 0.66
C PHE B 163 -7.37 8.34 1.02
N ILE B 164 -7.51 7.24 1.73
CA ILE B 164 -6.37 6.41 2.16
C ILE B 164 -6.59 5.04 1.57
N GLY B 165 -5.61 4.54 0.84
CA GLY B 165 -5.77 3.24 0.25
C GLY B 165 -4.60 2.77 -0.56
N ALA B 166 -4.84 1.81 -1.47
CA ALA B 166 -3.78 1.18 -2.25
C ALA B 166 -4.33 0.49 -3.47
N PHE B 167 -3.46 0.34 -4.44
CA PHE B 167 -3.75 -0.51 -5.61
C PHE B 167 -3.29 -1.90 -5.30
N HIS B 168 -4.20 -2.86 -5.30
CA HIS B 168 -3.82 -4.24 -4.91
C HIS B 168 -4.76 -5.21 -5.66
N GLN B 169 -4.22 -5.85 -6.69
CA GLN B 169 -5.03 -6.71 -7.58
C GLN B 169 -5.42 -8.01 -6.84
N PRO B 170 -6.71 -8.38 -6.88
CA PRO B 170 -7.09 -9.65 -6.34
C PRO B 170 -6.58 -10.82 -7.17
N GLU B 171 -6.25 -11.91 -6.49
CA GLU B 171 -5.92 -13.18 -7.16
C GLU B 171 -7.11 -13.73 -7.91
N TYR B 172 -8.32 -13.53 -7.35
CA TYR B 172 -9.53 -13.95 -7.97
C TYR B 172 -10.68 -13.02 -7.62
N VAL B 173 -11.67 -12.95 -8.51
CA VAL B 173 -12.96 -12.35 -8.22
C VAL B 173 -14.03 -13.43 -8.53
N PHE B 174 -14.76 -13.82 -7.50
CA PHE B 174 -15.89 -14.77 -7.67
C PHE B 174 -17.24 -14.06 -7.46
N CYS B 175 -18.09 -14.08 -8.49
CA CYS B 175 -19.41 -13.44 -8.48
C CYS B 175 -20.42 -14.55 -8.49
N ASP B 176 -20.87 -14.86 -7.29
CA ASP B 176 -21.90 -15.87 -7.06
C ASP B 176 -23.21 -15.12 -6.99
N VAL B 177 -23.94 -15.16 -8.09
CA VAL B 177 -25.19 -14.41 -8.24
C VAL B 177 -26.26 -14.81 -7.22
N SER B 178 -26.17 -15.99 -6.64
CA SER B 178 -27.14 -16.43 -5.65
C SER B 178 -27.11 -15.59 -4.35
N PHE B 179 -26.01 -14.90 -4.09
CA PHE B 179 -25.95 -13.94 -2.98
C PHE B 179 -26.99 -12.85 -3.10
N LEU B 180 -27.39 -12.49 -4.33
CA LEU B 180 -28.37 -11.45 -4.57
C LEU B 180 -29.79 -11.82 -4.08
N GLU B 181 -29.98 -13.08 -3.75
CA GLU B 181 -31.27 -13.50 -3.16
C GLU B 181 -31.66 -12.74 -1.87
N THR B 182 -30.67 -12.29 -1.09
CA THR B 182 -30.95 -11.58 0.18
C THR B 182 -30.73 -10.07 0.07
N LEU B 183 -30.33 -9.59 -1.10
CA LEU B 183 -30.03 -8.17 -1.25
C LEU B 183 -31.31 -7.34 -1.31
N PRO B 184 -31.41 -6.30 -0.45
CA PRO B 184 -32.58 -5.39 -0.51
C PRO B 184 -32.79 -4.75 -1.88
N ALA B 185 -34.05 -4.59 -2.23
CA ALA B 185 -34.45 -4.17 -3.57
C ALA B 185 -33.78 -2.90 -4.04
N ARG B 186 -33.72 -1.90 -3.15
CA ARG B 186 -33.17 -0.61 -3.50
C ARG B 186 -31.68 -0.79 -3.92
N GLN B 187 -30.95 -1.65 -3.20
CA GLN B 187 -29.53 -1.89 -3.48
C GLN B 187 -29.34 -2.63 -4.80
N PHE B 188 -30.28 -3.51 -5.09
CA PHE B 188 -30.29 -4.28 -6.31
C PHE B 188 -30.49 -3.35 -7.53
N ILE B 189 -31.49 -2.46 -7.45
CA ILE B 189 -31.73 -1.44 -8.46
C ILE B 189 -30.52 -0.48 -8.61
N ASN B 190 -29.93 -0.04 -7.49
CA ASN B 190 -28.74 0.84 -7.45
C ASN B 190 -27.67 0.28 -8.37
N GLY B 191 -27.40 -1.02 -8.24
CA GLY B 191 -26.39 -1.73 -9.01
C GLY B 191 -26.60 -1.73 -10.51
N MET B 192 -27.86 -1.63 -10.94
CA MET B 192 -28.17 -1.57 -12.37
C MET B 192 -27.67 -0.32 -13.07
N ALA B 193 -27.37 0.74 -12.32
CA ALA B 193 -26.83 1.93 -12.95
C ALA B 193 -25.51 1.61 -13.66
N GLU B 194 -24.64 0.85 -13.02
CA GLU B 194 -23.33 0.53 -13.64
C GLU B 194 -23.49 -0.47 -14.79
N VAL B 195 -24.47 -1.34 -14.66
CA VAL B 195 -24.83 -2.33 -15.72
C VAL B 195 -25.30 -1.62 -16.98
N VAL B 196 -26.24 -0.69 -16.82
CA VAL B 196 -26.68 0.14 -17.96
C VAL B 196 -25.52 0.94 -18.55
N LYS B 197 -24.66 1.51 -17.68
CA LYS B 197 -23.47 2.27 -18.13
C LYS B 197 -22.53 1.47 -19.04
N THR B 198 -22.18 0.27 -18.61
CA THR B 198 -21.27 -0.54 -19.38
C THR B 198 -21.86 -0.92 -20.73
N ALA B 199 -23.16 -1.25 -20.77
CA ALA B 199 -23.78 -1.48 -22.06
C ALA B 199 -23.78 -0.18 -22.90
N ALA B 200 -24.19 0.93 -22.28
CA ALA B 200 -24.18 2.22 -23.02
C ALA B 200 -22.80 2.63 -23.60
N ILE B 201 -21.73 2.37 -22.89
CA ILE B 201 -20.40 2.83 -23.41
C ILE B 201 -19.77 1.84 -24.39
N TRP B 202 -20.23 0.58 -24.42
CA TRP B 202 -19.50 -0.48 -25.11
C TRP B 202 -20.30 -1.61 -25.84
N ASN B 203 -21.57 -1.82 -25.54
CA ASN B 203 -22.24 -3.01 -26.05
C ASN B 203 -23.74 -2.76 -26.26
N GLU B 204 -24.09 -2.32 -27.47
CA GLU B 204 -25.50 -2.08 -27.84
C GLU B 204 -26.38 -3.34 -27.81
N GLU B 205 -25.80 -4.49 -28.21
N GLU B 205 -25.82 -4.49 -28.20
CA GLU B 205 -26.52 -5.77 -28.21
CA GLU B 205 -26.59 -5.71 -28.22
C GLU B 205 -26.97 -6.13 -26.80
C GLU B 205 -26.98 -6.15 -26.79
N GLU B 206 -26.08 -5.93 -25.83
CA GLU B 206 -26.39 -6.18 -24.42
C GLU B 206 -27.40 -5.13 -23.94
N PHE B 207 -27.26 -3.90 -24.43
CA PHE B 207 -28.21 -2.84 -24.12
C PHE B 207 -29.64 -3.26 -24.53
N THR B 208 -29.78 -3.86 -25.70
CA THR B 208 -31.06 -4.37 -26.18
C THR B 208 -31.60 -5.48 -25.29
N ARG B 209 -30.74 -6.44 -24.94
CA ARG B 209 -31.15 -7.52 -24.03
C ARG B 209 -31.62 -6.94 -22.67
N LEU B 210 -30.88 -5.97 -22.14
CA LEU B 210 -31.30 -5.31 -20.90
C LEU B 210 -32.69 -4.64 -20.99
N GLU B 211 -32.94 -3.93 -22.09
CA GLU B 211 -34.27 -3.37 -22.33
C GLU B 211 -35.35 -4.48 -22.27
N ASN B 212 -35.09 -5.62 -22.92
CA ASN B 212 -36.08 -6.71 -23.01
C ASN B 212 -36.29 -7.43 -21.68
N PHE B 213 -35.24 -7.44 -20.85
CA PHE B 213 -35.25 -8.05 -19.50
C PHE B 213 -35.88 -7.12 -18.45
N SER B 214 -35.95 -5.81 -18.69
CA SER B 214 -36.25 -4.88 -17.60
C SER B 214 -37.54 -5.17 -16.86
N LYS B 215 -38.64 -5.36 -17.60
CA LYS B 215 -39.92 -5.60 -16.94
C LYS B 215 -39.96 -6.82 -16.03
N LYS B 216 -39.48 -7.97 -16.47
CA LYS B 216 -39.47 -9.15 -15.59
C LYS B 216 -38.43 -9.03 -14.45
N PHE B 217 -37.29 -8.40 -14.70
CA PHE B 217 -36.34 -8.08 -13.65
C PHE B 217 -37.01 -7.22 -12.55
N LEU B 218 -37.57 -6.10 -12.96
CA LEU B 218 -38.09 -5.16 -12.00
C LEU B 218 -39.31 -5.76 -11.25
N SER B 219 -40.07 -6.60 -11.93
CA SER B 219 -41.20 -7.33 -11.33
C SER B 219 -40.78 -8.39 -10.27
N VAL B 220 -39.67 -9.08 -10.52
CA VAL B 220 -39.17 -10.06 -9.54
C VAL B 220 -38.50 -9.35 -8.36
N VAL B 221 -37.61 -8.42 -8.65
CA VAL B 221 -36.80 -7.78 -7.61
C VAL B 221 -37.66 -6.98 -6.64
N THR B 222 -38.76 -6.40 -7.11
CA THR B 222 -39.70 -5.67 -6.22
C THR B 222 -40.87 -6.50 -5.64
N SER B 223 -40.89 -7.82 -5.85
CA SER B 223 -41.94 -8.66 -5.28
C SER B 223 -41.67 -8.91 -3.80
N LYS B 224 -42.63 -9.49 -3.11
CA LYS B 224 -42.56 -9.65 -1.67
C LYS B 224 -41.42 -10.59 -1.26
N LYS B 225 -41.42 -11.78 -1.83
CA LYS B 225 -40.35 -12.77 -1.66
C LYS B 225 -39.74 -12.97 -3.05
N PRO B 226 -38.73 -12.16 -3.46
CA PRO B 226 -38.20 -12.35 -4.83
C PRO B 226 -37.72 -13.78 -5.11
N ASP B 227 -38.27 -14.38 -6.18
CA ASP B 227 -37.88 -15.70 -6.70
C ASP B 227 -36.75 -15.55 -7.75
N LEU B 228 -35.50 -15.45 -7.31
CA LEU B 228 -34.38 -15.23 -8.24
C LEU B 228 -34.07 -16.38 -9.17
N GLN B 229 -34.29 -17.63 -8.71
CA GLN B 229 -34.13 -18.83 -9.56
C GLN B 229 -34.87 -18.75 -10.90
N SER B 230 -36.05 -18.15 -10.90
CA SER B 230 -36.84 -17.98 -12.13
C SER B 230 -36.18 -17.07 -13.20
N ILE B 231 -35.21 -16.24 -12.82
CA ILE B 231 -34.49 -15.41 -13.80
C ILE B 231 -32.94 -15.60 -13.69
N LYS B 232 -32.54 -16.76 -13.17
CA LYS B 232 -31.15 -17.11 -12.90
C LYS B 232 -30.22 -16.88 -14.09
N ALA B 233 -30.55 -17.48 -15.25
CA ALA B 233 -29.71 -17.35 -16.48
C ALA B 233 -29.54 -15.91 -16.87
N GLU B 234 -30.64 -15.16 -16.82
CA GLU B 234 -30.63 -13.77 -17.22
C GLU B 234 -29.82 -12.89 -16.25
N LEU B 235 -29.82 -13.20 -14.95
CA LEU B 235 -29.02 -12.46 -13.99
C LEU B 235 -27.53 -12.72 -14.18
N VAL B 236 -27.16 -13.98 -14.42
CA VAL B 236 -25.78 -14.40 -14.63
C VAL B 236 -25.24 -13.64 -15.84
N LYS B 237 -26.05 -13.58 -16.88
CA LYS B 237 -25.66 -12.89 -18.10
C LYS B 237 -25.50 -11.40 -17.87
N THR B 238 -26.38 -10.83 -17.03
CA THR B 238 -26.29 -9.41 -16.68
C THR B 238 -24.96 -9.05 -16.01
N VAL B 239 -24.59 -9.81 -14.99
CA VAL B 239 -23.32 -9.63 -14.28
C VAL B 239 -22.16 -9.87 -15.25
N LEU B 240 -22.22 -10.99 -15.98
CA LEU B 240 -21.18 -11.36 -16.91
C LEU B 240 -20.86 -10.26 -17.92
N GLU B 241 -21.88 -9.74 -18.63
CA GLU B 241 -21.63 -8.74 -19.68
C GLU B 241 -21.19 -7.37 -19.19
N SER B 242 -21.56 -7.00 -17.97
CA SER B 242 -21.10 -5.75 -17.37
C SER B 242 -19.63 -5.90 -16.91
N VAL B 243 -19.34 -6.98 -16.18
CA VAL B 243 -17.98 -7.15 -15.62
C VAL B 243 -16.98 -7.38 -16.77
N ARG B 244 -17.45 -7.99 -17.88
CA ARG B 244 -16.63 -8.14 -19.07
C ARG B 244 -16.11 -6.83 -19.60
N VAL B 245 -16.98 -5.82 -19.62
CA VAL B 245 -16.60 -4.48 -20.07
C VAL B 245 -15.58 -3.88 -19.10
N LYS B 246 -15.86 -3.91 -17.81
CA LYS B 246 -14.95 -3.34 -16.82
C LYS B 246 -13.58 -4.02 -16.94
N ALA B 247 -13.57 -5.37 -16.94
CA ALA B 247 -12.33 -6.10 -17.06
C ALA B 247 -11.57 -5.82 -18.40
N GLY B 248 -12.31 -5.72 -19.51
CA GLY B 248 -11.72 -5.50 -20.84
C GLY B 248 -11.06 -4.15 -20.91
N VAL B 249 -11.73 -3.15 -20.37
CA VAL B 249 -11.25 -1.79 -20.40
C VAL B 249 -10.02 -1.67 -19.49
N VAL B 250 -10.11 -2.21 -18.28
CA VAL B 250 -8.94 -2.25 -17.38
C VAL B 250 -7.71 -2.90 -18.08
N SER B 251 -7.93 -4.03 -18.74
CA SER B 251 -6.86 -4.74 -19.43
C SER B 251 -6.33 -3.96 -20.66
N SER B 252 -7.23 -3.36 -21.43
CA SER B 252 -6.88 -2.61 -22.67
C SER B 252 -6.16 -1.31 -22.40
N ASP B 253 -6.53 -0.65 -21.29
CA ASP B 253 -5.84 0.57 -20.81
C ASP B 253 -4.32 0.40 -20.67
N GLU B 254 -3.86 -0.84 -20.48
CA GLU B 254 -2.42 -1.17 -20.62
C GLU B 254 -1.74 -0.55 -21.86
N LYS B 255 -2.34 -0.82 -23.01
CA LYS B 255 -1.75 -0.56 -24.35
C LYS B 255 -2.38 0.69 -25.01
N GLU B 256 -3.68 0.92 -24.77
CA GLU B 256 -4.41 2.12 -25.21
C GLU B 256 -4.89 2.91 -23.96
N ALA B 257 -3.97 3.61 -23.29
CA ALA B 257 -4.27 4.30 -22.01
C ALA B 257 -5.22 5.49 -22.20
N GLY B 258 -6.23 5.64 -21.34
CA GLY B 258 -7.29 6.64 -21.56
C GLY B 258 -8.62 6.00 -21.93
N LEU B 259 -8.58 4.76 -22.38
CA LEU B 259 -9.80 3.94 -22.52
C LEU B 259 -10.46 3.72 -21.16
N ARG B 260 -9.64 3.70 -20.09
CA ARG B 260 -10.15 3.51 -18.73
C ARG B 260 -11.14 4.59 -18.31
N ASN B 261 -10.93 5.82 -18.81
CA ASN B 261 -11.81 6.93 -18.47
C ASN B 261 -13.24 6.75 -18.94
N LEU B 262 -13.44 5.96 -19.99
CA LEU B 262 -14.79 5.70 -20.47
C LEU B 262 -15.71 5.07 -19.39
N LEU B 263 -15.13 4.29 -18.47
CA LEU B 263 -15.84 3.79 -17.29
C LEU B 263 -16.42 4.90 -16.41
N ASN B 264 -15.96 6.14 -16.58
CA ASN B 264 -16.51 7.26 -15.84
C ASN B 264 -17.78 7.86 -16.42
N PHE B 265 -18.37 7.28 -17.48
CA PHE B 265 -19.60 7.78 -18.03
C PHE B 265 -20.67 7.85 -16.92
N GLY B 266 -21.21 9.06 -16.77
CA GLY B 266 -22.16 9.39 -15.75
C GLY B 266 -21.61 9.72 -14.37
N HIS B 267 -20.32 9.50 -14.15
CA HIS B 267 -19.69 9.74 -12.87
C HIS B 267 -19.16 11.18 -12.71
N THR B 268 -18.99 11.92 -13.79
CA THR B 268 -18.49 13.28 -13.67
C THR B 268 -19.55 14.11 -12.98
N ILE B 269 -20.73 14.12 -13.58
CA ILE B 269 -21.86 14.81 -13.01
C ILE B 269 -22.43 14.03 -11.82
N GLY B 270 -22.52 12.70 -11.93
CA GLY B 270 -23.08 11.91 -10.86
C GLY B 270 -22.34 12.01 -9.52
N HIS B 271 -21.00 12.05 -9.54
CA HIS B 271 -20.21 12.19 -8.30
C HIS B 271 -20.41 13.55 -7.68
N ALA B 272 -20.53 14.56 -8.52
CA ALA B 272 -20.81 15.92 -8.04
C ALA B 272 -22.17 15.98 -7.32
N ILE B 273 -23.19 15.39 -7.92
CA ILE B 273 -24.51 15.28 -7.26
C ILE B 273 -24.39 14.46 -5.95
N GLU B 274 -23.75 13.29 -6.02
CA GLU B 274 -23.67 12.43 -4.85
C GLU B 274 -22.94 13.09 -3.68
N ALA B 275 -21.89 13.85 -3.98
CA ALA B 275 -21.21 14.67 -2.98
C ALA B 275 -22.20 15.56 -2.23
N VAL B 276 -23.17 16.14 -2.91
CA VAL B 276 -24.17 17.01 -2.25
C VAL B 276 -25.22 16.18 -1.50
N LEU B 277 -25.65 15.06 -2.07
CA LEU B 277 -26.84 14.32 -1.58
C LEU B 277 -26.61 13.03 -0.81
N THR B 278 -25.37 12.52 -0.78
CA THR B 278 -25.03 11.38 0.10
C THR B 278 -25.29 11.75 1.56
N PRO B 279 -25.74 10.84 2.43
CA PRO B 279 -26.02 9.44 2.12
C PRO B 279 -27.46 9.17 1.71
N GLU B 280 -28.31 10.18 1.63
CA GLU B 280 -29.73 9.96 1.30
C GLU B 280 -29.89 9.45 -0.13
N ALA B 281 -29.06 9.97 -1.06
CA ALA B 281 -28.97 9.42 -2.42
C ALA B 281 -27.84 8.38 -2.50
N LEU B 282 -28.15 7.23 -3.08
CA LEU B 282 -27.13 6.21 -3.33
C LEU B 282 -26.40 6.48 -4.60
N HIS B 283 -25.30 5.76 -4.78
CA HIS B 283 -24.33 6.03 -5.83
C HIS B 283 -24.90 5.79 -7.20
N GLY B 284 -25.55 4.64 -7.38
CA GLY B 284 -26.17 4.29 -8.66
C GLY B 284 -27.29 5.24 -9.05
N GLU B 285 -28.08 5.66 -8.07
CA GLU B 285 -29.12 6.61 -8.29
C GLU B 285 -28.53 7.89 -8.89
N CYS B 286 -27.46 8.37 -8.27
CA CYS B 286 -26.75 9.56 -8.77
C CYS B 286 -26.05 9.34 -10.13
N VAL B 287 -25.49 8.16 -10.34
CA VAL B 287 -24.88 7.83 -11.62
C VAL B 287 -25.89 7.78 -12.78
N SER B 288 -27.09 7.27 -12.52
CA SER B 288 -28.16 7.27 -13.51
C SER B 288 -28.53 8.69 -13.97
N ILE B 289 -28.71 9.58 -13.01
CA ILE B 289 -29.02 10.97 -13.30
C ILE B 289 -27.86 11.60 -14.07
N GLY B 290 -26.65 11.29 -13.63
CA GLY B 290 -25.43 11.73 -14.28
C GLY B 290 -25.31 11.31 -15.72
N MET B 291 -25.60 10.06 -16.03
CA MET B 291 -25.53 9.59 -17.41
C MET B 291 -26.45 10.39 -18.32
N ILE B 292 -27.67 10.66 -17.82
CA ILE B 292 -28.61 11.51 -18.57
C ILE B 292 -28.09 12.93 -18.79
N LYS B 293 -27.61 13.59 -17.74
CA LYS B 293 -27.02 14.92 -17.91
C LYS B 293 -25.84 14.90 -18.85
N GLU B 294 -24.98 13.88 -18.71
CA GLU B 294 -23.81 13.78 -19.56
C GLU B 294 -24.21 13.49 -20.99
N ALA B 295 -25.25 12.68 -21.17
CA ALA B 295 -25.76 12.42 -22.50
C ALA B 295 -26.33 13.71 -23.14
N GLU B 296 -27.04 14.52 -22.36
CA GLU B 296 -27.54 15.85 -22.79
C GLU B 296 -26.38 16.78 -23.18
N LEU B 297 -25.28 16.68 -22.43
CA LEU B 297 -24.06 17.43 -22.77
C LEU B 297 -23.54 17.01 -24.14
N SER B 298 -23.40 15.71 -24.39
CA SER B 298 -22.98 15.23 -25.73
C SER B 298 -23.96 15.67 -26.85
N ARG B 299 -25.25 15.58 -26.55
N ARG B 299 -25.24 15.58 -26.54
CA ARG B 299 -26.28 16.06 -27.44
CA ARG B 299 -26.28 16.06 -27.44
C ARG B 299 -26.12 17.55 -27.78
C ARG B 299 -26.12 17.55 -27.78
N TYR B 300 -25.95 18.37 -26.75
CA TYR B 300 -25.78 19.80 -26.90
C TYR B 300 -24.53 20.20 -27.71
N LEU B 301 -23.47 19.40 -27.59
CA LEU B 301 -22.26 19.58 -28.35
C LEU B 301 -22.35 19.01 -29.78
N GLY B 302 -23.50 18.48 -30.17
CA GLY B 302 -23.76 18.05 -31.56
C GLY B 302 -23.28 16.65 -31.86
N ILE B 303 -23.04 15.85 -30.83
CA ILE B 303 -22.51 14.51 -31.02
C ILE B 303 -23.62 13.46 -30.87
N LEU B 304 -24.04 13.17 -29.64
CA LEU B 304 -25.08 12.17 -29.39
C LEU B 304 -26.42 12.59 -30.05
N PRO B 305 -27.06 11.70 -30.84
CA PRO B 305 -28.36 12.08 -31.38
C PRO B 305 -29.41 12.13 -30.26
N PRO B 306 -30.38 13.06 -30.37
CA PRO B 306 -31.39 13.18 -29.29
C PRO B 306 -32.19 11.90 -29.00
N VAL B 307 -32.43 11.06 -30.02
CA VAL B 307 -33.13 9.78 -29.81
C VAL B 307 -32.39 8.81 -28.89
N ALA B 308 -31.05 8.85 -28.88
CA ALA B 308 -30.27 7.99 -28.01
C ALA B 308 -30.37 8.45 -26.54
N VAL B 309 -30.41 9.76 -26.30
CA VAL B 309 -30.77 10.33 -24.99
C VAL B 309 -32.13 9.74 -24.50
N ALA B 310 -33.15 9.74 -25.35
CA ALA B 310 -34.46 9.23 -24.96
C ALA B 310 -34.39 7.73 -24.68
N ARG B 311 -33.69 6.99 -25.52
CA ARG B 311 -33.53 5.55 -25.34
C ARG B 311 -32.83 5.18 -24.01
N LEU B 312 -31.80 5.95 -23.67
CA LEU B 312 -31.03 5.73 -22.44
C LEU B 312 -31.93 5.98 -21.22
N SER B 313 -32.69 7.06 -21.27
CA SER B 313 -33.57 7.42 -20.18
C SER B 313 -34.67 6.39 -19.99
N LYS B 314 -35.26 5.93 -21.08
CA LYS B 314 -36.32 4.89 -21.05
C LYS B 314 -35.85 3.62 -20.31
N CYS B 315 -34.62 3.20 -20.62
CA CYS B 315 -34.02 1.99 -20.04
C CYS B 315 -33.76 2.15 -18.54
N LEU B 316 -33.19 3.29 -18.15
CA LEU B 316 -32.95 3.58 -16.71
C LEU B 316 -34.28 3.63 -15.94
N VAL B 317 -35.30 4.31 -16.48
CA VAL B 317 -36.63 4.36 -15.80
C VAL B 317 -37.17 2.96 -15.69
N ALA B 318 -37.07 2.17 -16.76
CA ALA B 318 -37.57 0.80 -16.73
C ALA B 318 -36.88 -0.12 -15.67
N TYR B 319 -35.62 0.17 -15.32
CA TYR B 319 -34.96 -0.54 -14.23
C TYR B 319 -35.17 0.15 -12.85
N GLY B 320 -36.07 1.12 -12.75
CA GLY B 320 -36.38 1.74 -11.44
C GLY B 320 -35.47 2.85 -10.96
N LEU B 321 -34.64 3.39 -11.84
CA LEU B 321 -33.68 4.46 -11.53
C LEU B 321 -34.19 5.85 -11.94
N PRO B 322 -33.74 6.91 -11.23
CA PRO B 322 -34.20 8.24 -11.56
C PRO B 322 -33.41 8.81 -12.72
N VAL B 323 -34.08 9.65 -13.49
CA VAL B 323 -33.41 10.30 -14.60
C VAL B 323 -33.27 11.82 -14.47
N SER B 324 -33.77 12.40 -13.38
CA SER B 324 -33.37 13.75 -12.98
C SER B 324 -33.44 13.88 -11.46
N ILE B 325 -32.80 14.91 -10.91
CA ILE B 325 -32.91 15.17 -9.49
C ILE B 325 -34.31 15.58 -9.05
N ASP B 326 -35.20 15.90 -9.99
CA ASP B 326 -36.59 16.15 -9.69
C ASP B 326 -37.55 14.97 -9.77
N ASP B 327 -37.04 13.77 -10.06
CA ASP B 327 -37.81 12.53 -9.97
C ASP B 327 -38.53 12.46 -8.61
N LYS B 328 -39.83 12.14 -8.62
CA LYS B 328 -40.66 12.22 -7.40
C LYS B 328 -40.14 11.37 -6.25
N GLU B 329 -39.80 10.12 -6.54
CA GLU B 329 -39.28 9.21 -5.51
C GLU B 329 -37.90 9.66 -5.02
N PHE B 330 -37.10 10.16 -5.96
CA PHE B 330 -35.79 10.69 -5.59
C PHE B 330 -35.91 11.92 -4.63
N LEU B 331 -36.85 12.84 -4.94
CA LEU B 331 -37.16 13.94 -4.03
C LEU B 331 -37.57 13.46 -2.63
N LYS B 332 -38.34 12.38 -2.58
CA LYS B 332 -38.70 11.72 -1.32
C LYS B 332 -37.44 11.20 -0.56
N LYS B 333 -36.51 10.54 -1.27
CA LYS B 333 -35.32 10.05 -0.61
C LYS B 333 -34.46 11.21 -0.07
N VAL B 334 -34.27 12.28 -0.85
CA VAL B 334 -33.31 13.35 -0.49
C VAL B 334 -33.88 14.47 0.40
N GLY B 335 -35.20 14.61 0.40
CA GLY B 335 -35.90 15.62 1.19
C GLY B 335 -35.32 17.04 1.19
N PRO B 336 -35.00 17.58 2.39
CA PRO B 336 -34.45 18.95 2.52
C PRO B 336 -33.09 19.22 1.86
N LYS B 337 -32.35 18.18 1.47
CA LYS B 337 -31.08 18.35 0.72
C LYS B 337 -31.23 18.73 -0.77
N ARG B 338 -32.41 18.52 -1.34
CA ARG B 338 -32.69 18.89 -2.73
C ARG B 338 -32.21 20.30 -3.12
N HIS B 339 -32.54 21.30 -2.31
CA HIS B 339 -32.19 22.71 -2.59
C HIS B 339 -30.69 23.03 -2.47
N TYR B 340 -29.88 22.13 -1.89
CA TYR B 340 -28.42 22.35 -1.87
C TYR B 340 -27.77 22.23 -3.25
N VAL B 341 -28.44 21.55 -4.18
CA VAL B 341 -27.89 21.29 -5.50
C VAL B 341 -28.03 22.56 -6.32
N GLU B 342 -27.02 23.43 -6.24
CA GLU B 342 -26.93 24.65 -7.08
C GLU B 342 -25.81 24.40 -8.12
N ILE B 343 -25.94 24.96 -9.32
CA ILE B 343 -24.92 24.85 -10.40
C ILE B 343 -23.49 25.10 -9.92
N ASP B 344 -23.31 26.15 -9.14
CA ASP B 344 -21.97 26.57 -8.69
C ASP B 344 -21.25 25.51 -7.84
N ILE B 345 -21.98 24.87 -6.93
CA ILE B 345 -21.38 23.85 -6.07
C ILE B 345 -21.10 22.58 -6.87
N LEU B 346 -21.92 22.31 -7.88
CA LEU B 346 -21.65 21.21 -8.81
C LEU B 346 -20.40 21.48 -9.66
N LEU B 347 -20.23 22.67 -10.22
CA LEU B 347 -19.03 22.98 -11.01
C LEU B 347 -17.77 22.93 -10.16
N LYS B 348 -17.92 23.30 -8.87
CA LYS B 348 -16.84 23.24 -7.91
C LYS B 348 -16.46 21.78 -7.61
N LYS B 349 -17.42 20.94 -7.22
CA LYS B 349 -17.17 19.47 -7.07
C LYS B 349 -16.43 18.88 -8.29
N MET B 350 -16.87 19.21 -9.51
CA MET B 350 -16.30 18.66 -10.76
C MET B 350 -14.94 19.26 -11.20
N ALA B 351 -14.44 20.27 -10.48
CA ALA B 351 -13.10 20.79 -10.72
C ALA B 351 -12.04 19.85 -10.12
N SER B 359 -9.39 24.78 -15.61
CA SER B 359 -10.78 24.80 -15.20
C SER B 359 -11.74 24.28 -16.28
N LYS B 360 -11.20 23.63 -17.32
CA LYS B 360 -12.03 22.76 -18.17
C LYS B 360 -12.34 21.52 -17.32
N ILE B 361 -13.32 20.74 -17.72
CA ILE B 361 -13.71 19.55 -16.97
C ILE B 361 -13.63 18.37 -17.91
N ARG B 362 -13.21 17.24 -17.40
CA ARG B 362 -13.09 16.06 -18.25
C ARG B 362 -14.40 15.27 -18.17
N CYS B 363 -14.90 14.80 -19.31
CA CYS B 363 -16.17 14.11 -19.34
C CYS B 363 -16.25 13.16 -20.52
N VAL B 364 -16.93 12.04 -20.32
CA VAL B 364 -17.23 11.11 -21.40
C VAL B 364 -18.36 11.68 -22.22
N LEU B 365 -18.18 11.71 -23.54
CA LEU B 365 -19.22 12.13 -24.47
C LEU B 365 -19.70 10.94 -25.31
N LEU B 366 -20.90 10.47 -24.98
CA LEU B 366 -21.44 9.30 -25.66
C LEU B 366 -21.67 9.64 -27.14
N GLU B 367 -21.33 8.70 -28.03
CA GLU B 367 -21.54 8.91 -29.50
C GLU B 367 -22.84 8.31 -29.96
N LYS B 368 -23.13 7.12 -29.46
CA LYS B 368 -24.40 6.44 -29.67
C LYS B 368 -24.57 5.37 -28.55
N ILE B 369 -25.71 4.69 -28.51
CA ILE B 369 -25.82 3.57 -27.57
C ILE B 369 -24.80 2.49 -27.96
N GLY B 370 -23.89 2.17 -27.04
CA GLY B 370 -22.81 1.20 -27.27
C GLY B 370 -21.45 1.76 -27.73
N LYS B 371 -21.29 3.08 -27.80
CA LYS B 371 -20.04 3.67 -28.28
C LYS B 371 -19.76 5.05 -27.74
N CYS B 372 -18.54 5.27 -27.25
CA CYS B 372 -18.10 6.62 -26.82
C CYS B 372 -17.33 7.36 -27.91
N TYR B 373 -17.58 8.67 -28.02
CA TYR B 373 -17.01 9.49 -29.07
C TYR B 373 -15.50 9.52 -29.00
N GLN B 374 -14.87 9.03 -30.06
CA GLN B 374 -13.42 8.99 -30.22
C GLN B 374 -12.70 8.14 -29.17
N LEU B 375 -13.45 7.28 -28.50
CA LEU B 375 -12.94 6.32 -27.56
C LEU B 375 -12.06 6.95 -26.50
N LYS B 376 -12.51 8.09 -25.99
CA LYS B 376 -11.76 8.77 -24.93
C LYS B 376 -12.65 9.82 -24.27
N ALA B 377 -12.20 10.30 -23.11
CA ALA B 377 -12.87 11.41 -22.42
C ALA B 377 -12.42 12.70 -23.08
N HIS B 378 -13.20 13.77 -22.86
CA HIS B 378 -13.00 15.08 -23.48
C HIS B 378 -13.03 16.17 -22.45
N GLN B 379 -12.25 17.22 -22.70
CA GLN B 379 -12.30 18.41 -21.88
C GLN B 379 -13.46 19.26 -22.35
N VAL B 380 -14.35 19.65 -21.45
CA VAL B 380 -15.49 20.50 -21.79
C VAL B 380 -15.48 21.72 -20.88
N SER B 381 -16.11 22.80 -21.31
CA SER B 381 -16.07 24.07 -20.58
C SER B 381 -17.15 24.10 -19.52
N LYS B 382 -16.94 24.98 -18.54
CA LYS B 382 -17.93 25.25 -17.49
C LYS B 382 -19.20 25.84 -18.08
N GLN B 383 -19.05 26.67 -19.11
CA GLN B 383 -20.19 27.29 -19.78
C GLN B 383 -21.12 26.21 -20.35
N ASP B 384 -20.57 25.24 -21.05
CA ASP B 384 -21.39 24.20 -21.64
C ASP B 384 -22.06 23.33 -20.57
N LEU B 385 -21.30 22.95 -19.54
CA LEU B 385 -21.92 22.20 -18.44
C LEU B 385 -23.03 22.96 -17.75
N SER B 386 -22.82 24.25 -17.54
CA SER B 386 -23.88 25.14 -17.06
C SER B 386 -25.15 25.05 -17.89
N PHE B 387 -25.02 25.05 -19.21
CA PHE B 387 -26.20 24.97 -20.09
C PHE B 387 -27.04 23.75 -19.80
N VAL B 388 -26.44 22.56 -19.71
CA VAL B 388 -27.25 21.36 -19.42
C VAL B 388 -27.78 21.32 -17.97
N LEU B 389 -27.11 22.01 -17.04
CA LEU B 389 -27.57 22.00 -15.65
C LEU B 389 -28.53 23.17 -15.33
N THR B 390 -28.70 24.15 -16.21
CA THR B 390 -29.58 25.33 -15.98
C THR B 390 -31.01 24.95 -15.60
PA NAD C . 15.29 6.69 15.11
O1A NAD C . 14.42 6.36 16.30
O2A NAD C . 14.65 7.13 13.83
O5B NAD C . 16.24 7.89 15.59
C5B NAD C . 16.97 7.76 16.81
C4B NAD C . 16.91 9.02 17.66
O4B NAD C . 17.67 10.08 17.04
C3B NAD C . 15.52 9.63 17.83
O3B NAD C . 15.40 10.15 19.17
C2B NAD C . 15.47 10.75 16.80
O2B NAD C . 14.63 11.84 17.11
C1B NAD C . 16.86 11.26 16.85
N9A NAD C . 17.59 11.79 15.69
C8A NAD C . 17.62 11.28 14.46
N7A NAD C . 18.52 11.97 13.70
C5A NAD C . 19.07 12.89 14.49
C6A NAD C . 20.12 13.92 14.34
N6A NAD C . 20.69 14.05 13.13
N1A NAD C . 20.41 14.72 15.38
C2A NAD C . 19.80 14.56 16.58
N3A NAD C . 18.86 13.60 16.81
C4A NAD C . 18.49 12.76 15.81
O3 NAD C . 16.30 5.46 14.99
PN NAD C . 17.06 4.86 13.70
O1N NAD C . 18.09 3.86 14.11
O2N NAD C . 17.38 5.93 12.69
O5D NAD C . 15.87 4.05 12.96
C5D NAD C . 15.24 2.92 13.59
C4D NAD C . 14.05 2.46 12.75
O4D NAD C . 14.55 2.07 11.48
C3D NAD C . 13.29 1.24 13.32
O3D NAD C . 11.94 1.65 13.54
C2D NAD C . 13.41 0.17 12.27
O2D NAD C . 12.14 -0.49 12.02
C1D NAD C . 13.81 0.95 11.01
N1N NAD C . 14.56 0.17 10.03
C2N NAD C . 14.02 0.03 8.82
C3N NAD C . 14.64 -0.68 7.79
C7N NAD C . 14.00 -0.74 6.40
O7N NAD C . 14.43 -1.54 5.59
N7N NAD C . 13.00 0.07 6.00
C4N NAD C . 15.86 -1.28 8.09
C5N NAD C . 16.43 -1.15 9.37
C6N NAD C . 15.74 -0.41 10.34
C1 EDO D . 4.76 18.39 18.00
O1 EDO D . 4.87 19.33 16.92
C2 EDO D . 6.07 17.64 18.14
O2 EDO D . 7.14 18.54 18.54
C1 EDO E . 8.95 22.93 11.81
O1 EDO E . 9.33 22.84 10.42
C2 EDO E . 8.75 21.53 12.34
O2 EDO E . 7.76 20.85 11.58
C1 EDO F . -2.50 22.58 11.70
O1 EDO F . -3.48 22.00 10.83
C2 EDO F . -1.49 21.54 12.07
O2 EDO F . -0.18 22.03 12.35
C1 EDO G . 14.39 2.34 -3.40
O1 EDO G . 14.54 1.04 -3.87
C2 EDO G . 15.73 2.84 -3.28
O2 EDO G . 15.75 4.05 -2.81
C1 EDO H . -3.89 0.82 17.76
O1 EDO H . -3.24 -0.43 17.99
C2 EDO H . -5.23 0.64 17.09
O2 EDO H . -5.82 1.92 16.82
C1 EDO I . 39.79 -13.22 5.38
O1 EDO I . 39.08 -14.40 5.71
C2 EDO I . 40.26 -12.57 6.67
O2 EDO I . 40.74 -11.26 6.42
C1 EDO J . 43.26 -15.84 14.70
O1 EDO J . 42.98 -16.99 13.90
C2 EDO J . 42.54 -16.00 16.03
O2 EDO J . 43.10 -15.10 16.99
C1 EDO K . 18.45 -4.93 5.15
O1 EDO K . 19.69 -4.77 5.85
C2 EDO K . 17.37 -4.14 5.90
O2 EDO K . 17.81 -3.98 7.25
C1 EDO L . 42.46 -1.71 13.78
O1 EDO L . 42.04 -1.41 15.11
C2 EDO L . 41.43 -2.58 13.07
O2 EDO L . 40.79 -3.51 13.97
CL CL M . -2.96 2.06 6.69
PA NAD N . -22.25 -1.81 0.81
O1A NAD N . -22.38 -0.67 1.79
O2A NAD N . -21.03 -2.72 0.82
O5B NAD N . -23.50 -2.84 1.03
C5B NAD N . -24.84 -2.31 1.12
C4B NAD N . -25.63 -2.98 2.27
O4B NAD N . -25.97 -4.32 1.94
C3B NAD N . -24.84 -3.12 3.57
O3B NAD N . -25.70 -2.79 4.66
C2B NAD N . -24.42 -4.58 3.60
O2B NAD N . -24.27 -5.13 4.88
C1B NAD N . -25.54 -5.28 2.89
N9A NAD N . -25.30 -6.39 1.96
C8A NAD N . -24.31 -6.53 1.04
N7A NAD N . -24.51 -7.67 0.32
C5A NAD N . -25.65 -8.25 0.75
C6A NAD N . -26.47 -9.45 0.41
N6A NAD N . -26.09 -10.30 -0.55
N1A NAD N . -27.60 -9.68 1.14
C2A NAD N . -28.01 -8.84 2.11
N3A NAD N . -27.33 -7.73 2.46
C4A NAD N . -26.18 -7.40 1.83
O3 NAD N . -22.59 -1.07 -0.56
PN NAD N . -22.13 -1.33 -2.07
O1N NAD N . -22.96 -0.45 -2.94
O2N NAD N . -21.86 -2.79 -2.31
O5D NAD N . -20.66 -0.64 -2.00
C5D NAD N . -20.48 0.77 -1.85
C4D NAD N . -18.96 1.00 -1.68
O4D NAD N . -18.31 0.58 -2.87
C3D NAD N . -18.55 2.45 -1.42
O3D NAD N . -17.87 2.52 -0.16
C2D NAD N . -17.64 2.81 -2.59
O2D NAD N . -16.49 3.56 -2.20
C1D NAD N . -17.24 1.46 -3.16
N1N NAD N . -16.92 1.49 -4.59
C2N NAD N . -15.66 1.17 -4.97
C3N NAD N . -15.24 1.18 -6.29
C7N NAD N . -13.83 0.77 -6.66
O7N NAD N . -13.41 1.10 -7.76
N7N NAD N . -13.05 0.04 -5.83
C4N NAD N . -16.19 1.55 -7.26
C5N NAD N . -17.50 1.89 -6.85
C6N NAD N . -17.83 1.85 -5.51
C1 EDO O . 3.02 -12.54 13.28
O1 EDO O . 2.18 -13.43 12.55
C2 EDO O . 2.08 -11.73 14.17
O2 EDO O . 1.97 -12.37 15.44
C1 EDO P . -8.05 -6.53 -10.77
O1 EDO P . -7.53 -5.62 -11.71
C2 EDO P . -9.05 -7.31 -11.47
O2 EDO P . -9.75 -8.22 -10.74
C1 EDO Q . -16.04 3.67 -11.15
O1 EDO Q . -15.28 2.56 -10.64
C2 EDO Q . -16.21 3.48 -12.66
O2 EDO Q . -16.32 2.09 -13.00
C1 EDO R . -29.90 16.51 -12.54
O1 EDO R . -31.26 16.54 -12.99
C2 EDO R . -29.28 17.88 -12.52
O2 EDO R . -28.01 17.74 -11.90
#